data_9D00
#
_entry.id   9D00
#
_cell.length_a   56.780
_cell.length_b   80.330
_cell.length_c   84.090
_cell.angle_alpha   103.45
_cell.angle_beta   106.49
_cell.angle_gamma   103.18
#
_symmetry.space_group_name_H-M   'P 1'
#
loop_
_entity.id
_entity.type
_entity.pdbx_description
1 polymer 'Mitogen-activated protein kinase kinase kinase kinase 1'
2 non-polymer 4-[(1R)-1-aminopropyl]-6-methoxy-2-{6-[4-(propan-2-yl)-4H-1,2,4-triazol-3-yl]pyridin-2-yl}-2,3-dihydro-1H-isoindol-1-one
3 water water
#
_entity_poly.entity_id   1
_entity_poly.type   'polypeptide(L)'
_entity_poly.pdbx_seq_one_letter_code
;GSMDVVDPDIFNRDPRDHYDLLQRLGGGTYGEVFKARDKVSGDLVALKMVKMEPDDDVSTLQKEILILKTCRHANIVAYH
GSYLWLQKLWICMEFCGAGSLQDIYQVTGSLSELQISYVCREVLQGLAYLHSQKKIHRDIKGANILINDAGEVRLADFGI
SAQIGAELARRLEFIGTPYWMAPEVAAVALKGGYNELCDIWSLGITAIELAELQPPLFDVHPLRVLFLMTKSGYQPPRLK
EKGKWSAAFHNFIKVTLTKSPKKRPSATKMLSHQLVSQPGLNRGLILDLLDKLKNPGKGPSIGDIEDEE
;
_entity_poly.pdbx_strand_id   A,B,C,D
#
loop_
_chem_comp.id
_chem_comp.type
_chem_comp.name
_chem_comp.formula
A1A1A non-polymer 4-[(1R)-1-aminopropyl]-6-methoxy-2-{6-[4-(propan-2-yl)-4H-1,2,4-triazol-3-yl]pyridin-2-yl}-2,3-dihydro-1H-isoindol-1-one 'C22 H26 N6 O2'
#
# COMPACT_ATOMS: atom_id res chain seq x y z
N PRO A 8 -11.23 24.47 8.45
CA PRO A 8 -12.66 24.35 8.75
C PRO A 8 -12.98 24.52 10.24
N ASP A 9 -12.05 24.13 11.13
CA ASP A 9 -12.23 24.24 12.58
C ASP A 9 -11.68 25.54 13.17
N ILE A 10 -11.28 26.49 12.33
CA ILE A 10 -10.73 27.77 12.74
C ILE A 10 -11.80 28.56 13.46
N PHE A 11 -11.47 29.10 14.62
CA PHE A 11 -12.41 29.85 15.43
C PHE A 11 -12.46 31.30 14.98
N ASN A 12 -13.60 31.70 14.40
CA ASN A 12 -13.79 33.07 13.92
C ASN A 12 -14.11 34.01 15.07
N ARG A 13 -13.10 34.28 15.92
CA ARG A 13 -13.21 35.18 17.06
C ARG A 13 -11.84 35.76 17.47
N ASP A 14 -11.84 36.77 18.35
CA ASP A 14 -10.62 37.41 18.84
C ASP A 14 -9.95 36.48 19.88
N PRO A 15 -8.66 36.12 19.70
CA PRO A 15 -8.00 35.26 20.70
C PRO A 15 -7.87 35.90 22.08
N ARG A 16 -7.96 37.25 22.16
CA ARG A 16 -7.92 37.97 23.44
C ARG A 16 -9.18 37.75 24.29
N ASP A 17 -10.23 37.12 23.74
CA ASP A 17 -11.41 36.74 24.51
C ASP A 17 -10.98 35.59 25.49
N HIS A 18 -10.07 34.68 25.04
CA HIS A 18 -9.61 33.55 25.86
C HIS A 18 -8.20 33.73 26.45
N TYR A 19 -7.37 34.63 25.89
CA TYR A 19 -5.99 34.77 26.32
C TYR A 19 -5.50 36.20 26.60
N ASP A 20 -4.56 36.34 27.53
CA ASP A 20 -3.90 37.62 27.80
C ASP A 20 -2.52 37.54 27.16
N LEU A 21 -2.19 38.45 26.24
CA LEU A 21 -0.87 38.45 25.63
C LEU A 21 0.13 39.01 26.63
N LEU A 22 1.17 38.24 26.93
CA LEU A 22 2.16 38.61 27.92
C LEU A 22 3.46 39.18 27.35
N GLN A 23 3.96 38.63 26.21
CA GLN A 23 5.25 39.08 25.67
C GLN A 23 5.50 38.60 24.23
N ARG A 24 6.15 39.43 23.40
CA ARG A 24 6.56 39.00 22.07
C ARG A 24 7.85 38.20 22.28
N LEU A 25 7.88 36.94 21.83
CA LEU A 25 9.05 36.09 21.98
C LEU A 25 10.01 36.17 20.78
N GLY A 26 9.47 36.30 19.57
CA GLY A 26 10.27 36.36 18.36
C GLY A 26 9.55 35.78 17.16
N GLY A 27 10.19 35.75 16.00
CA GLY A 27 9.57 35.21 14.80
C GLY A 27 10.04 33.82 14.42
N GLY A 28 9.33 33.18 13.51
CA GLY A 28 9.72 31.88 12.98
C GLY A 28 10.03 32.02 11.50
N THR A 29 9.75 30.96 10.70
CA THR A 29 9.91 31.03 9.23
C THR A 29 9.06 32.20 8.67
N TYR A 30 7.86 32.35 9.23
CA TYR A 30 6.92 33.44 9.04
C TYR A 30 6.11 33.58 10.34
N GLY A 31 5.51 34.74 10.57
CA GLY A 31 4.74 34.99 11.78
C GLY A 31 5.55 35.40 12.99
N GLU A 32 4.83 35.85 14.02
CA GLU A 32 5.47 36.27 15.29
C GLU A 32 4.86 35.43 16.42
N VAL A 33 5.69 34.91 17.32
CA VAL A 33 5.23 34.09 18.42
C VAL A 33 5.10 34.91 19.70
N PHE A 34 3.99 34.77 20.40
CA PHE A 34 3.74 35.45 21.65
C PHE A 34 3.52 34.47 22.78
N LYS A 35 3.95 34.84 23.99
CA LYS A 35 3.66 34.08 25.19
C LYS A 35 2.27 34.60 25.65
N ALA A 36 1.30 33.71 25.87
CA ALA A 36 -0.05 34.12 26.28
C ALA A 36 -0.55 33.31 27.45
N ARG A 37 -1.51 33.85 28.24
CA ARG A 37 -2.04 33.16 29.40
C ARG A 37 -3.54 32.92 29.27
N ASP A 38 -3.97 31.69 29.48
CA ASP A 38 -5.36 31.29 29.42
C ASP A 38 -6.11 32.01 30.56
N LYS A 39 -7.16 32.77 30.22
CA LYS A 39 -7.92 33.54 31.20
C LYS A 39 -8.67 32.68 32.23
N VAL A 40 -9.06 31.44 31.86
CA VAL A 40 -9.80 30.54 32.73
C VAL A 40 -8.87 29.74 33.66
N SER A 41 -7.85 29.05 33.10
CA SER A 41 -6.98 28.20 33.90
C SER A 41 -5.66 28.80 34.34
N GLY A 42 -5.26 29.92 33.74
CA GLY A 42 -3.96 30.52 34.02
C GLY A 42 -2.80 29.79 33.31
N ASP A 43 -3.12 28.79 32.48
CA ASP A 43 -2.11 28.00 31.75
C ASP A 43 -1.48 28.82 30.64
N LEU A 44 -0.18 28.71 30.46
CA LEU A 44 0.52 29.45 29.41
C LEU A 44 0.43 28.69 28.10
N VAL A 45 0.28 29.44 27.01
CA VAL A 45 0.28 28.90 25.64
C VAL A 45 1.20 29.78 24.77
N ALA A 46 1.58 29.27 23.60
CA ALA A 46 2.32 30.03 22.59
C ALA A 46 1.31 30.37 21.51
N LEU A 47 1.24 31.62 21.09
CA LEU A 47 0.34 32.03 20.02
C LEU A 47 1.18 32.55 18.87
N LYS A 48 1.13 31.90 17.70
CA LYS A 48 1.86 32.45 16.53
C LYS A 48 0.89 33.28 15.68
N MET A 49 1.14 34.59 15.60
CA MET A 49 0.26 35.49 14.82
C MET A 49 0.84 35.66 13.40
N VAL A 50 0.00 35.49 12.38
CA VAL A 50 0.45 35.68 10.96
C VAL A 50 -0.51 36.64 10.26
N LYS A 51 0.02 37.69 9.62
CA LYS A 51 -0.83 38.62 8.83
C LYS A 51 -1.41 37.88 7.64
N MET A 52 -2.74 37.74 7.59
CA MET A 52 -3.38 37.01 6.50
C MET A 52 -4.32 37.92 5.70
N ASP A 57 -3.41 34.41 -0.89
CA ASP A 57 -3.30 32.96 -0.94
C ASP A 57 -3.06 32.41 0.47
N VAL A 58 -3.92 31.47 0.91
CA VAL A 58 -3.78 30.89 2.25
C VAL A 58 -3.38 29.39 2.22
N SER A 59 -2.81 28.93 1.11
CA SER A 59 -2.41 27.53 0.93
C SER A 59 -1.38 27.07 1.95
N THR A 60 -0.38 27.92 2.23
CA THR A 60 0.69 27.59 3.15
C THR A 60 0.20 27.44 4.59
N LEU A 61 -0.57 28.43 5.07
CA LEU A 61 -1.12 28.38 6.41
C LEU A 61 -2.06 27.22 6.59
N GLN A 62 -2.84 26.89 5.54
CA GLN A 62 -3.75 25.74 5.54
C GLN A 62 -2.97 24.45 5.76
N LYS A 63 -1.86 24.27 5.01
CA LYS A 63 -1.02 23.07 5.16
C LYS A 63 -0.35 23.04 6.52
N GLU A 64 0.10 24.19 7.05
CA GLU A 64 0.77 24.21 8.35
C GLU A 64 -0.16 23.75 9.46
N ILE A 65 -1.39 24.27 9.47
CA ILE A 65 -2.39 23.92 10.46
C ILE A 65 -2.75 22.44 10.32
N LEU A 66 -2.91 21.94 9.08
CA LEU A 66 -3.20 20.53 8.83
C LEU A 66 -2.07 19.63 9.35
N ILE A 67 -0.80 20.02 9.15
CA ILE A 67 0.34 19.24 9.67
C ILE A 67 0.28 19.17 11.20
N LEU A 68 0.09 20.30 11.87
CA LEU A 68 0.01 20.37 13.33
C LEU A 68 -1.20 19.61 13.90
N LYS A 69 -2.36 19.76 13.27
CA LYS A 69 -3.63 19.16 13.66
C LYS A 69 -3.60 17.62 13.57
N THR A 70 -2.92 17.08 12.55
CA THR A 70 -2.86 15.63 12.36
C THR A 70 -1.65 14.96 13.07
N CYS A 71 -0.93 15.69 13.92
CA CYS A 71 0.19 15.13 14.69
C CYS A 71 -0.30 14.86 16.09
N ARG A 72 -0.09 13.66 16.59
CA ARG A 72 -0.45 13.28 17.95
C ARG A 72 0.73 12.48 18.50
N HIS A 73 1.83 13.17 18.81
CA HIS A 73 3.05 12.54 19.33
C HIS A 73 3.70 13.47 20.32
N ALA A 74 4.25 12.92 21.40
CA ALA A 74 4.84 13.71 22.46
C ALA A 74 6.01 14.57 22.01
N ASN A 75 6.80 14.14 21.02
CA ASN A 75 7.96 14.92 20.55
C ASN A 75 7.63 15.97 19.50
N ILE A 76 6.35 16.23 19.23
CA ILE A 76 5.91 17.26 18.30
C ILE A 76 5.03 18.23 19.06
N VAL A 77 5.35 19.52 19.02
CA VAL A 77 4.64 20.56 19.80
C VAL A 77 3.09 20.45 19.65
N ALA A 78 2.37 20.44 20.78
CA ALA A 78 0.91 20.25 20.80
C ALA A 78 0.16 21.40 20.16
N TYR A 79 -0.90 21.09 19.42
CA TYR A 79 -1.74 22.06 18.72
C TYR A 79 -3.09 22.21 19.43
N HIS A 80 -3.50 23.44 19.75
CA HIS A 80 -4.75 23.67 20.46
C HIS A 80 -5.85 24.34 19.64
N GLY A 81 -5.56 24.74 18.41
CA GLY A 81 -6.54 25.42 17.59
C GLY A 81 -6.06 26.76 17.05
N SER A 82 -6.81 27.36 16.10
CA SER A 82 -6.41 28.63 15.52
C SER A 82 -7.57 29.66 15.51
N TYR A 83 -7.23 30.95 15.52
CA TYR A 83 -8.20 32.04 15.52
C TYR A 83 -7.99 32.92 14.31
N LEU A 84 -9.07 33.35 13.65
CA LEU A 84 -8.98 34.27 12.53
C LEU A 84 -9.72 35.51 12.97
N TRP A 85 -9.04 36.66 13.03
CA TRP A 85 -9.66 37.88 13.52
C TRP A 85 -8.90 39.11 13.07
N LEU A 86 -9.61 40.07 12.44
CA LEU A 86 -9.04 41.33 11.98
C LEU A 86 -7.85 41.10 11.05
N GLN A 87 -8.00 40.13 10.13
CA GLN A 87 -7.01 39.75 9.13
C GLN A 87 -5.68 39.26 9.75
N LYS A 88 -5.78 38.60 10.90
CA LYS A 88 -4.64 38.01 11.59
C LYS A 88 -5.00 36.61 11.98
N LEU A 89 -4.14 35.65 11.67
CA LEU A 89 -4.36 34.25 12.05
C LEU A 89 -3.47 33.95 13.24
N TRP A 90 -4.03 33.37 14.29
CA TRP A 90 -3.29 33.05 15.50
C TRP A 90 -3.32 31.54 15.69
N ILE A 91 -2.17 30.89 15.63
CA ILE A 91 -2.08 29.46 15.83
C ILE A 91 -1.70 29.22 17.28
N CYS A 92 -2.59 28.57 18.04
CA CYS A 92 -2.37 28.29 19.45
C CYS A 92 -1.68 26.95 19.66
N MET A 93 -0.51 27.00 20.29
CA MET A 93 0.29 25.82 20.51
C MET A 93 0.79 25.76 21.94
N GLU A 94 1.34 24.60 22.31
CA GLU A 94 1.93 24.33 23.60
C GLU A 94 3.09 25.31 23.85
N PHE A 95 3.14 25.91 25.03
CA PHE A 95 4.22 26.84 25.39
C PHE A 95 5.41 26.02 25.93
N CYS A 96 6.63 26.37 25.53
CA CYS A 96 7.81 25.64 25.96
C CYS A 96 8.68 26.61 26.72
N GLY A 97 8.56 26.55 28.05
CA GLY A 97 9.17 27.42 29.05
C GLY A 97 10.63 27.76 28.92
N ALA A 98 11.44 26.81 28.46
CA ALA A 98 12.86 27.08 28.27
C ALA A 98 13.21 27.61 26.86
N GLY A 99 12.24 27.65 25.95
CA GLY A 99 12.44 28.12 24.59
C GLY A 99 13.10 27.08 23.71
N SER A 100 13.87 27.52 22.75
CA SER A 100 14.57 26.65 21.84
C SER A 100 15.93 26.26 22.40
N LEU A 101 16.56 25.22 21.84
CA LEU A 101 17.90 24.86 22.24
C LEU A 101 18.88 25.99 21.92
N GLN A 102 18.63 26.81 20.88
CA GLN A 102 19.46 27.96 20.55
C GLN A 102 19.34 29.04 21.64
N ASP A 103 18.14 29.28 22.17
CA ASP A 103 17.96 30.23 23.28
C ASP A 103 18.79 29.76 24.51
N ILE A 104 18.84 28.45 24.75
CA ILE A 104 19.57 27.85 25.85
C ILE A 104 21.08 27.87 25.67
N TYR A 105 21.62 27.31 24.58
CA TYR A 105 23.07 27.26 24.40
C TYR A 105 23.70 28.66 24.23
N GLN A 106 22.92 29.68 23.85
CA GLN A 106 23.45 31.05 23.75
C GLN A 106 23.80 31.64 25.15
N VAL A 107 23.25 31.05 26.22
CA VAL A 107 23.47 31.43 27.59
C VAL A 107 24.37 30.38 28.30
N THR A 108 24.08 29.09 28.15
CA THR A 108 24.81 28.04 28.85
C THR A 108 26.08 27.55 28.18
N GLY A 109 26.23 27.82 26.90
CA GLY A 109 27.37 27.30 26.15
C GLY A 109 27.10 25.89 25.66
N SER A 110 28.15 25.21 25.23
CA SER A 110 28.04 23.86 24.68
C SER A 110 27.30 22.85 25.56
N LEU A 111 26.49 22.00 24.91
CA LEU A 111 25.78 20.96 25.66
C LEU A 111 26.74 19.79 25.83
N SER A 112 26.55 19.00 26.89
CA SER A 112 27.37 17.82 27.10
C SER A 112 26.95 16.71 26.10
N GLU A 113 27.78 15.67 25.95
CA GLU A 113 27.46 14.58 25.03
C GLU A 113 26.20 13.86 25.41
N LEU A 114 25.99 13.62 26.70
CA LEU A 114 24.79 12.94 27.19
C LEU A 114 23.53 13.79 26.91
N GLN A 115 23.60 15.12 27.13
CA GLN A 115 22.46 15.98 26.86
C GLN A 115 22.11 15.99 25.38
N ILE A 116 23.13 16.02 24.50
CA ILE A 116 22.96 15.95 23.03
C ILE A 116 22.39 14.59 22.64
N SER A 117 22.83 13.51 23.30
CA SER A 117 22.38 12.14 23.02
C SER A 117 20.88 12.01 23.26
N TYR A 118 20.39 12.58 24.38
CA TYR A 118 18.97 12.58 24.74
C TYR A 118 18.17 13.41 23.74
N VAL A 119 18.63 14.64 23.41
CA VAL A 119 17.97 15.50 22.42
C VAL A 119 17.88 14.76 21.07
N CYS A 120 18.97 14.13 20.63
CA CYS A 120 18.96 13.38 19.38
C CYS A 120 17.99 12.22 19.44
N ARG A 121 17.90 11.51 20.56
CA ARG A 121 16.93 10.42 20.71
C ARG A 121 15.51 10.93 20.57
N GLU A 122 15.18 12.03 21.26
CA GLU A 122 13.86 12.64 21.23
C GLU A 122 13.50 13.15 19.86
N VAL A 123 14.43 13.83 19.18
CA VAL A 123 14.18 14.34 17.83
C VAL A 123 13.97 13.17 16.86
N LEU A 124 14.77 12.09 16.97
CA LEU A 124 14.62 10.91 16.11
C LEU A 124 13.26 10.24 16.32
N GLN A 125 12.72 10.25 17.57
CA GLN A 125 11.39 9.69 17.85
C GLN A 125 10.32 10.53 17.14
N GLY A 126 10.47 11.85 17.19
CA GLY A 126 9.57 12.77 16.51
C GLY A 126 9.64 12.61 14.99
N LEU A 127 10.86 12.46 14.45
CA LEU A 127 11.10 12.26 13.02
C LEU A 127 10.56 10.92 12.55
N ALA A 128 10.78 9.83 13.30
CA ALA A 128 10.24 8.51 12.94
C ALA A 128 8.69 8.56 12.83
N TYR A 129 8.03 9.31 13.73
CA TYR A 129 6.58 9.49 13.70
C TYR A 129 6.16 10.30 12.47
N LEU A 130 6.86 11.44 12.19
CA LEU A 130 6.51 12.31 11.06
C LEU A 130 6.64 11.57 9.76
N HIS A 131 7.75 10.84 9.58
CA HIS A 131 8.03 10.06 8.39
C HIS A 131 7.03 8.90 8.23
N SER A 132 6.53 8.35 9.34
CA SER A 132 5.51 7.30 9.30
C SER A 132 4.15 7.85 8.77
N GLN A 133 3.90 9.17 8.89
CA GLN A 133 2.70 9.84 8.36
C GLN A 133 2.95 10.48 6.98
N LYS A 134 4.09 10.14 6.33
CA LYS A 134 4.52 10.71 5.05
C LYS A 134 4.78 12.22 5.15
N LYS A 135 5.19 12.71 6.32
CA LYS A 135 5.52 14.12 6.52
C LYS A 135 7.04 14.31 6.59
N ILE A 136 7.53 15.48 6.20
CA ILE A 136 8.95 15.79 6.25
C ILE A 136 9.07 17.14 6.96
N HIS A 137 9.94 17.25 7.98
CA HIS A 137 10.13 18.51 8.68
C HIS A 137 10.83 19.57 7.78
N ARG A 138 11.99 19.20 7.21
CA ARG A 138 12.80 20.02 6.30
C ARG A 138 13.46 21.23 6.96
N ASP A 139 13.26 21.45 8.25
CA ASP A 139 13.87 22.58 8.94
C ASP A 139 14.39 22.22 10.32
N ILE A 140 15.00 21.04 10.45
CA ILE A 140 15.57 20.61 11.71
C ILE A 140 16.81 21.43 12.03
N LYS A 141 16.80 22.09 13.20
CA LYS A 141 17.89 22.90 13.71
C LYS A 141 17.60 23.23 15.17
N GLY A 142 18.58 23.74 15.90
CA GLY A 142 18.43 24.08 17.32
C GLY A 142 17.31 25.03 17.60
N ALA A 143 17.08 25.99 16.69
CA ALA A 143 15.99 26.97 16.85
C ALA A 143 14.60 26.30 16.78
N ASN A 144 14.48 25.15 16.10
CA ASN A 144 13.21 24.48 15.94
C ASN A 144 12.99 23.31 16.92
N ILE A 145 13.90 23.12 17.86
CA ILE A 145 13.78 22.08 18.87
C ILE A 145 13.56 22.82 20.16
N LEU A 146 12.36 22.70 20.70
CA LEU A 146 11.98 23.42 21.90
C LEU A 146 12.03 22.54 23.12
N ILE A 147 12.27 23.16 24.29
CA ILE A 147 12.39 22.48 25.56
C ILE A 147 11.41 23.09 26.53
N ASN A 148 10.53 22.29 27.10
CA ASN A 148 9.59 22.81 28.10
C ASN A 148 10.22 22.74 29.51
N ASP A 149 9.53 23.22 30.55
CA ASP A 149 10.04 23.24 31.92
C ASP A 149 10.33 21.88 32.52
N ALA A 150 9.66 20.84 32.01
CA ALA A 150 9.87 19.48 32.42
C ALA A 150 11.06 18.80 31.68
N GLY A 151 11.86 19.57 30.95
CA GLY A 151 13.00 19.06 30.19
C GLY A 151 12.62 18.22 28.98
N GLU A 152 11.35 18.30 28.55
CA GLU A 152 10.88 17.56 27.39
C GLU A 152 11.19 18.29 26.10
N VAL A 153 11.43 17.53 25.05
CA VAL A 153 11.83 17.97 23.72
C VAL A 153 10.70 17.97 22.71
N ARG A 154 10.48 19.10 22.00
CA ARG A 154 9.39 19.21 21.03
C ARG A 154 9.86 19.81 19.73
N LEU A 155 9.57 19.16 18.59
CA LEU A 155 9.83 19.71 17.29
C LEU A 155 8.77 20.78 16.99
N ALA A 156 9.19 21.90 16.43
CA ALA A 156 8.28 23.01 16.13
C ALA A 156 8.64 23.66 14.77
N ASP A 157 7.76 24.54 14.27
CA ASP A 157 7.90 25.30 13.02
C ASP A 157 7.88 24.44 11.81
N PHE A 158 6.67 24.09 11.41
CA PHE A 158 6.45 23.40 10.17
C PHE A 158 6.25 24.36 9.00
N GLY A 159 6.67 25.62 9.13
CA GLY A 159 6.54 26.65 8.10
C GLY A 159 7.21 26.28 6.80
N ILE A 160 8.46 25.75 6.87
CA ILE A 160 9.19 25.33 5.67
C ILE A 160 8.45 24.15 5.04
N SER A 161 8.08 23.17 5.86
CA SER A 161 7.36 21.98 5.43
C SER A 161 6.04 22.35 4.72
N ALA A 162 5.32 23.34 5.26
CA ALA A 162 4.06 23.83 4.71
C ALA A 162 4.29 24.56 3.41
N GLN A 163 5.34 25.41 3.33
CA GLN A 163 5.66 26.15 2.11
C GLN A 163 5.99 25.17 0.98
N ILE A 164 6.78 24.15 1.25
CA ILE A 164 7.16 23.14 0.27
C ILE A 164 5.97 22.34 -0.19
N GLY A 165 5.12 21.93 0.74
CA GLY A 165 3.92 21.16 0.41
C GLY A 165 2.93 21.98 -0.40
N ALA A 166 2.80 23.28 -0.10
CA ALA A 166 1.90 24.15 -0.85
C ALA A 166 2.44 24.40 -2.25
N GLU A 167 3.76 24.65 -2.35
CA GLU A 167 4.45 24.91 -3.60
C GLU A 167 4.36 23.71 -4.54
N LEU A 168 4.52 22.51 -3.98
CA LEU A 168 4.47 21.27 -4.74
C LEU A 168 3.07 21.05 -5.31
N ALA A 169 2.03 21.34 -4.52
CA ALA A 169 0.63 21.18 -4.92
C ALA A 169 0.19 22.27 -5.91
N ARG A 170 0.78 23.46 -5.81
CA ARG A 170 0.49 24.57 -6.70
C ARG A 170 1.10 24.34 -8.08
N ARG A 171 2.37 23.93 -8.13
CA ARG A 171 3.03 23.63 -9.43
C ARG A 171 2.38 22.38 -10.04
N LEU A 172 1.97 21.43 -9.20
CA LEU A 172 1.41 20.17 -9.67
C LEU A 172 0.05 20.46 -10.32
N GLU A 173 -0.73 21.38 -9.76
CA GLU A 173 -2.09 21.69 -10.30
C GLU A 173 -1.98 22.53 -11.58
N PHE A 174 -0.83 23.16 -11.82
CA PHE A 174 -0.64 24.04 -12.96
C PHE A 174 0.58 23.63 -13.78
N ILE A 175 0.65 22.34 -14.09
CA ILE A 175 1.69 21.74 -14.93
C ILE A 175 1.11 21.15 -16.26
N GLY A 176 -0.21 20.96 -16.29
CA GLY A 176 -0.91 20.44 -17.46
C GLY A 176 -0.65 18.97 -17.75
N THR A 177 -0.67 18.62 -19.05
CA THR A 177 -0.44 17.24 -19.50
C THR A 177 0.98 16.73 -19.27
N PRO A 178 1.09 15.58 -18.59
CA PRO A 178 2.41 15.00 -18.32
C PRO A 178 2.78 13.82 -19.24
N TYR A 179 1.99 13.57 -20.30
CA TYR A 179 2.20 12.42 -21.19
C TYR A 179 3.54 12.41 -21.93
N TRP A 180 4.17 13.58 -22.11
CA TRP A 180 5.47 13.65 -22.78
C TRP A 180 6.65 13.83 -21.80
N MET A 181 6.39 13.85 -20.50
CA MET A 181 7.41 14.06 -19.50
C MET A 181 8.26 12.82 -19.27
N ALA A 182 9.58 13.02 -19.13
CA ALA A 182 10.53 11.96 -18.84
C ALA A 182 10.31 11.48 -17.38
N PRO A 183 10.60 10.21 -17.05
CA PRO A 183 10.36 9.72 -15.67
C PRO A 183 10.99 10.54 -14.56
N GLU A 184 12.22 11.03 -14.77
CA GLU A 184 12.90 11.85 -13.77
C GLU A 184 12.20 13.22 -13.56
N VAL A 185 11.52 13.74 -14.59
CA VAL A 185 10.77 14.99 -14.48
C VAL A 185 9.47 14.71 -13.72
N ALA A 186 8.81 13.56 -13.99
CA ALA A 186 7.58 13.19 -13.29
C ALA A 186 7.88 12.94 -11.80
N ALA A 187 9.05 12.37 -11.49
CA ALA A 187 9.45 12.10 -10.11
C ALA A 187 9.66 13.37 -9.32
N VAL A 188 10.35 14.37 -9.89
CA VAL A 188 10.55 15.66 -9.21
C VAL A 188 9.23 16.41 -9.04
N ALA A 189 8.29 16.24 -9.98
CA ALA A 189 6.98 16.89 -9.89
C ALA A 189 6.14 16.29 -8.72
N LEU A 190 6.27 14.97 -8.49
CA LEU A 190 5.48 14.32 -7.45
C LEU A 190 6.11 14.33 -6.06
N LYS A 191 7.42 14.12 -5.98
CA LYS A 191 8.08 14.02 -4.69
C LYS A 191 9.26 14.96 -4.46
N GLY A 192 9.48 15.95 -5.33
CA GLY A 192 10.66 16.81 -5.21
C GLY A 192 11.92 16.05 -5.58
N GLY A 193 13.09 16.66 -5.41
CA GLY A 193 14.34 15.98 -5.73
C GLY A 193 15.03 15.24 -4.60
N TYR A 194 14.33 15.06 -3.48
CA TYR A 194 14.88 14.40 -2.28
C TYR A 194 13.78 13.74 -1.43
N ASN A 195 14.12 13.05 -0.34
CA ASN A 195 13.10 12.43 0.52
C ASN A 195 13.27 12.83 2.02
N GLU A 196 12.56 12.15 2.94
CA GLU A 196 12.59 12.39 4.39
C GLU A 196 13.96 12.20 5.04
N LEU A 197 14.89 11.52 4.36
CA LEU A 197 16.23 11.31 4.88
C LEU A 197 17.03 12.63 4.99
N CYS A 198 16.57 13.72 4.37
CA CYS A 198 17.17 15.03 4.52
C CYS A 198 17.13 15.48 6.00
N ASP A 199 16.09 15.05 6.77
CA ASP A 199 15.88 15.32 8.20
C ASP A 199 16.96 14.67 9.07
N ILE A 200 17.43 13.46 8.67
CA ILE A 200 18.49 12.73 9.36
C ILE A 200 19.81 13.49 9.22
N TRP A 201 20.07 14.05 8.03
CA TRP A 201 21.26 14.86 7.81
C TRP A 201 21.19 16.11 8.70
N SER A 202 20.06 16.84 8.70
CA SER A 202 19.89 18.05 9.47
C SER A 202 20.07 17.79 10.97
N LEU A 203 19.65 16.61 11.45
CA LEU A 203 19.84 16.24 12.83
C LEU A 203 21.34 16.10 13.16
N GLY A 204 22.10 15.52 12.26
CA GLY A 204 23.56 15.40 12.39
C GLY A 204 24.24 16.75 12.48
N ILE A 205 23.80 17.72 11.64
CA ILE A 205 24.32 19.08 11.67
C ILE A 205 23.93 19.73 13.00
N THR A 206 22.66 19.52 13.46
CA THR A 206 22.16 20.04 14.72
C THR A 206 22.96 19.50 15.91
N ALA A 207 23.38 18.24 15.88
CA ALA A 207 24.18 17.67 16.96
C ALA A 207 25.54 18.39 17.05
N ILE A 208 26.13 18.72 15.90
CA ILE A 208 27.35 19.51 15.83
C ILE A 208 27.07 20.95 16.35
N GLU A 209 25.93 21.55 15.97
CA GLU A 209 25.53 22.88 16.45
C GLU A 209 25.37 22.91 18.01
N LEU A 210 24.82 21.85 18.60
CA LEU A 210 24.67 21.78 20.06
C LEU A 210 26.03 21.64 20.75
N ALA A 211 26.96 20.94 20.09
CA ALA A 211 28.30 20.70 20.59
C ALA A 211 29.24 21.90 20.39
N GLU A 212 29.05 22.67 19.31
CA GLU A 212 29.98 23.74 18.95
C GLU A 212 29.41 25.14 18.88
N LEU A 213 28.11 25.31 19.13
CA LEU A 213 27.41 26.60 19.13
C LEU A 213 27.15 27.20 17.74
N GLN A 214 27.62 26.55 16.68
CA GLN A 214 27.38 26.96 15.30
C GLN A 214 27.37 25.72 14.42
N PRO A 215 26.58 25.73 13.33
CA PRO A 215 26.67 24.62 12.37
C PRO A 215 27.96 24.77 11.55
N PRO A 216 28.47 23.68 10.95
CA PRO A 216 29.69 23.81 10.14
C PRO A 216 29.51 24.79 8.98
N LEU A 217 30.58 25.51 8.62
CA LEU A 217 30.58 26.47 7.53
C LEU A 217 29.70 27.70 7.77
N PHE A 218 29.31 28.00 9.04
CA PHE A 218 28.45 29.12 9.41
C PHE A 218 28.98 30.47 8.91
N ASP A 219 30.30 30.61 8.85
CA ASP A 219 30.93 31.85 8.40
C ASP A 219 31.14 31.95 6.88
N VAL A 220 30.75 30.92 6.12
CA VAL A 220 30.90 30.87 4.68
C VAL A 220 29.60 31.31 4.03
N HIS A 221 29.69 32.09 2.93
CA HIS A 221 28.51 32.61 2.23
C HIS A 221 27.50 31.51 1.90
N PRO A 222 26.20 31.74 2.21
CA PRO A 222 25.18 30.69 1.99
C PRO A 222 25.17 30.08 0.59
N LEU A 223 25.33 30.93 -0.43
CA LEU A 223 25.28 30.44 -1.83
C LEU A 223 26.51 29.57 -2.10
N ARG A 224 27.68 30.00 -1.62
CA ARG A 224 28.93 29.19 -1.79
C ARG A 224 28.74 27.83 -1.13
N VAL A 225 28.13 27.80 0.06
CA VAL A 225 27.90 26.52 0.79
C VAL A 225 27.14 25.56 -0.14
N LEU A 226 26.11 26.07 -0.82
CA LEU A 226 25.31 25.23 -1.75
C LEU A 226 26.23 24.62 -2.81
N PHE A 227 27.09 25.43 -3.43
CA PHE A 227 28.02 24.93 -4.46
C PHE A 227 28.94 23.88 -3.85
N LEU A 228 29.52 24.18 -2.69
CA LEU A 228 30.48 23.25 -2.04
C LEU A 228 29.84 21.86 -1.95
N MET A 229 28.55 21.79 -1.62
CA MET A 229 27.92 20.47 -1.43
C MET A 229 27.63 19.73 -2.71
N THR A 230 27.35 20.48 -3.80
CA THR A 230 27.04 19.92 -5.12
C THR A 230 28.26 19.22 -5.76
N LYS A 231 29.47 19.70 -5.45
CA LYS A 231 30.74 19.18 -5.94
C LYS A 231 30.93 17.71 -5.59
N SER A 232 31.56 16.95 -6.48
CA SER A 232 31.78 15.51 -6.27
C SER A 232 32.73 15.19 -5.11
N GLY A 233 33.58 16.15 -4.76
CA GLY A 233 34.53 15.97 -3.66
C GLY A 233 34.04 16.46 -2.31
N TYR A 234 32.73 16.79 -2.19
CA TYR A 234 32.20 17.28 -0.91
C TYR A 234 32.37 16.27 0.21
N GLN A 235 33.01 16.70 1.30
CA GLN A 235 33.19 15.83 2.44
C GLN A 235 32.23 16.25 3.53
N PRO A 236 31.40 15.31 4.03
CA PRO A 236 30.48 15.65 5.12
C PRO A 236 31.21 16.23 6.33
N PRO A 237 30.60 17.19 7.04
CA PRO A 237 31.29 17.80 8.19
C PRO A 237 31.55 16.82 9.35
N ARG A 238 32.45 17.20 10.25
CA ARG A 238 32.80 16.39 11.41
C ARG A 238 32.87 17.29 12.65
N LEU A 239 33.01 16.68 13.83
CA LEU A 239 33.19 17.45 15.05
C LEU A 239 34.66 17.97 15.06
N LYS A 240 34.87 19.19 15.54
CA LYS A 240 36.19 19.83 15.60
C LYS A 240 37.14 19.15 16.59
N GLU A 241 36.75 19.05 17.87
CA GLU A 241 37.62 18.49 18.90
C GLU A 241 37.35 17.00 19.07
N LYS A 242 38.14 16.16 18.40
CA LYS A 242 38.00 14.70 18.44
C LYS A 242 38.08 14.13 19.86
N GLY A 243 39.07 14.60 20.63
CA GLY A 243 39.29 14.13 22.00
C GLY A 243 38.23 14.47 23.01
N LYS A 244 37.36 15.42 22.69
CA LYS A 244 36.29 15.84 23.59
C LYS A 244 35.08 14.87 23.59
N TRP A 245 34.90 14.11 22.49
CA TRP A 245 33.73 13.26 22.32
C TRP A 245 34.06 11.79 22.15
N SER A 246 33.14 10.93 22.56
CA SER A 246 33.33 9.49 22.45
C SER A 246 33.30 9.03 20.99
N ALA A 247 33.85 7.86 20.73
CA ALA A 247 33.80 7.30 19.38
C ALA A 247 32.33 7.04 18.94
N ALA A 248 31.41 6.84 19.89
CA ALA A 248 30.00 6.63 19.57
C ALA A 248 29.38 7.92 19.00
N PHE A 249 29.73 9.10 19.56
CA PHE A 249 29.24 10.38 19.08
C PHE A 249 29.84 10.65 17.69
N HIS A 250 31.12 10.38 17.49
CA HIS A 250 31.75 10.54 16.18
C HIS A 250 31.10 9.64 15.14
N ASN A 251 30.78 8.39 15.50
CA ASN A 251 30.11 7.46 14.59
C ASN A 251 28.68 7.95 14.27
N PHE A 252 27.97 8.48 15.28
CA PHE A 252 26.61 9.00 15.07
C PHE A 252 26.62 10.12 14.02
N ILE A 253 27.59 11.03 14.12
CA ILE A 253 27.77 12.12 13.18
C ILE A 253 28.12 11.54 11.80
N LYS A 254 29.04 10.58 11.77
CA LYS A 254 29.43 9.92 10.53
C LYS A 254 28.23 9.32 9.76
N VAL A 255 27.38 8.50 10.42
CA VAL A 255 26.28 7.84 9.73
C VAL A 255 25.09 8.78 9.44
N THR A 256 24.76 9.75 10.34
CA THR A 256 23.69 10.70 10.01
C THR A 256 24.12 11.59 8.86
N LEU A 257 25.43 11.93 8.78
CA LEU A 257 25.92 12.76 7.70
C LEU A 257 26.43 11.93 6.52
N THR A 258 25.74 10.82 6.19
CA THR A 258 26.10 10.01 5.03
C THR A 258 25.71 10.83 3.80
N LYS A 259 26.69 11.13 2.96
CA LYS A 259 26.52 11.97 1.79
C LYS A 259 25.42 11.47 0.86
N SER A 260 25.41 10.19 0.56
CA SER A 260 24.43 9.59 -0.31
C SER A 260 23.13 9.31 0.43
N PRO A 261 22.00 9.99 0.12
CA PRO A 261 20.77 9.78 0.90
C PRO A 261 20.38 8.30 0.84
N LYS A 262 20.79 7.60 -0.22
CA LYS A 262 20.44 6.17 -0.39
C LYS A 262 21.10 5.36 0.73
N LYS A 263 22.31 5.73 1.14
CA LYS A 263 23.04 4.96 2.19
C LYS A 263 22.72 5.55 3.57
N ARG A 264 22.02 6.68 3.62
CA ARG A 264 21.71 7.34 4.92
C ARG A 264 20.65 6.52 5.67
N PRO A 265 20.87 6.15 6.95
CA PRO A 265 19.90 5.36 7.72
C PRO A 265 18.65 6.15 8.05
N SER A 266 17.52 5.44 8.18
CA SER A 266 16.23 6.02 8.53
C SER A 266 16.21 6.45 10.02
N ALA A 267 15.14 7.13 10.47
CA ALA A 267 15.03 7.53 11.85
C ALA A 267 14.90 6.33 12.76
N THR A 268 14.10 5.32 12.36
CA THR A 268 13.94 4.12 13.18
C THR A 268 15.24 3.34 13.28
N LYS A 269 16.00 3.27 12.18
CA LYS A 269 17.29 2.57 12.22
C LYS A 269 18.26 3.31 13.15
N MET A 270 18.28 4.66 13.07
CA MET A 270 19.10 5.50 13.92
C MET A 270 18.75 5.37 15.40
N LEU A 271 17.49 5.02 15.72
CA LEU A 271 17.05 4.83 17.11
C LEU A 271 17.73 3.66 17.81
N SER A 272 18.30 2.71 17.05
CA SER A 272 19.03 1.61 17.66
C SER A 272 20.55 1.85 17.66
N HIS A 273 21.01 3.05 17.29
CA HIS A 273 22.43 3.38 17.33
C HIS A 273 22.86 3.48 18.80
N GLN A 274 24.05 2.96 19.12
CA GLN A 274 24.59 2.95 20.48
C GLN A 274 24.45 4.30 21.23
N LEU A 275 24.65 5.45 20.54
CA LEU A 275 24.61 6.77 21.19
C LEU A 275 23.25 7.14 21.77
N VAL A 276 22.19 6.85 21.03
CA VAL A 276 20.85 7.22 21.45
C VAL A 276 20.09 6.08 22.13
N SER A 277 20.63 4.87 22.15
CA SER A 277 19.97 3.75 22.83
C SER A 277 20.53 3.51 24.23
N GLN A 278 21.39 4.42 24.77
CA GLN A 278 21.93 4.29 26.13
C GLN A 278 20.78 4.33 27.14
N PRO A 279 20.79 3.47 28.17
CA PRO A 279 19.66 3.44 29.12
C PRO A 279 19.54 4.62 30.09
N GLY A 280 20.60 5.42 30.24
CA GLY A 280 20.58 6.54 31.16
C GLY A 280 20.15 7.88 30.56
N LEU A 281 19.56 7.85 29.37
CA LEU A 281 19.14 9.09 28.67
C LEU A 281 17.71 9.43 29.10
N ASN A 282 17.53 10.56 29.79
CA ASN A 282 16.19 10.98 30.26
C ASN A 282 16.13 12.51 30.38
N ARG A 283 14.96 13.07 30.70
CA ARG A 283 14.80 14.55 30.80
C ARG A 283 15.67 15.11 31.93
N GLY A 284 16.03 14.27 32.92
CA GLY A 284 16.91 14.72 34.01
C GLY A 284 18.15 15.42 33.49
N LEU A 285 18.66 14.98 32.33
CA LEU A 285 19.88 15.60 31.73
C LEU A 285 19.58 17.06 31.38
N ILE A 286 18.39 17.32 30.82
CA ILE A 286 18.00 18.71 30.45
C ILE A 286 17.64 19.49 31.72
N LEU A 287 16.92 18.87 32.65
CA LEU A 287 16.63 19.55 33.94
C LEU A 287 17.95 20.04 34.52
N ASP A 288 19.02 19.24 34.42
CA ASP A 288 20.34 19.68 34.87
C ASP A 288 20.78 20.93 34.08
N LEU A 289 20.57 20.93 32.76
CA LEU A 289 20.91 22.07 31.89
C LEU A 289 20.08 23.28 32.28
N LEU A 290 18.80 23.08 32.60
CA LEU A 290 17.89 24.16 33.02
C LEU A 290 18.21 24.72 34.41
N ASP A 291 18.79 23.91 35.31
CA ASP A 291 19.24 24.40 36.63
C ASP A 291 20.43 25.34 36.47
N LYS A 292 21.30 25.06 35.47
CA LYS A 292 22.42 25.92 35.10
C LYS A 292 21.86 27.25 34.61
N LEU A 293 20.77 27.21 33.81
CA LEU A 293 20.09 28.40 33.28
C LEU A 293 19.46 29.27 34.37
N LYS A 294 18.94 28.63 35.42
CA LYS A 294 18.27 29.31 36.53
C LYS A 294 19.25 30.22 37.30
N ASN A 295 20.54 29.80 37.39
CA ASN A 295 21.63 30.53 38.05
C ASN A 295 21.78 31.97 37.56
N VAL B 6 9.13 42.02 -20.15
CA VAL B 6 9.87 43.32 -20.24
C VAL B 6 11.24 43.09 -20.88
N ASP B 7 11.79 44.10 -21.56
CA ASP B 7 13.08 43.94 -22.28
C ASP B 7 13.68 45.33 -22.54
N PRO B 8 15.02 45.49 -22.61
CA PRO B 8 15.63 46.79 -22.97
C PRO B 8 15.30 47.22 -24.44
N ASP B 9 15.11 46.23 -25.34
CA ASP B 9 14.79 46.50 -26.75
C ASP B 9 13.27 46.56 -27.02
N ILE B 10 12.42 46.57 -25.98
CA ILE B 10 10.96 46.57 -26.11
C ILE B 10 10.43 47.80 -26.90
N PHE B 11 9.39 47.59 -27.69
CA PHE B 11 8.79 48.66 -28.47
C PHE B 11 7.68 49.20 -27.61
N ASN B 12 7.84 50.41 -27.12
CA ASN B 12 6.80 51.02 -26.30
C ASN B 12 5.83 51.69 -27.26
N ARG B 13 5.07 50.85 -27.97
CA ARG B 13 4.11 51.28 -28.97
C ARG B 13 3.09 50.20 -29.30
N ASP B 14 1.99 50.62 -29.89
CA ASP B 14 0.91 49.74 -30.28
C ASP B 14 1.38 48.90 -31.47
N PRO B 15 1.32 47.55 -31.38
CA PRO B 15 1.76 46.72 -32.51
C PRO B 15 0.96 46.93 -33.80
N ARG B 16 -0.27 47.49 -33.68
CA ARG B 16 -1.10 47.80 -34.84
C ARG B 16 -0.54 48.96 -35.68
N ASP B 17 0.49 49.69 -35.18
CA ASP B 17 1.17 50.70 -35.96
C ASP B 17 1.94 49.98 -37.12
N HIS B 18 2.49 48.77 -36.85
CA HIS B 18 3.25 48.02 -37.85
C HIS B 18 2.51 46.82 -38.44
N TYR B 19 1.47 46.31 -37.76
CA TYR B 19 0.78 45.10 -38.21
C TYR B 19 -0.74 45.15 -38.27
N ASP B 20 -1.33 44.36 -39.17
CA ASP B 20 -2.77 44.20 -39.25
C ASP B 20 -3.09 42.85 -38.64
N LEU B 21 -3.93 42.80 -37.60
CA LEU B 21 -4.29 41.52 -37.00
C LEU B 21 -5.29 40.86 -37.93
N LEU B 22 -4.99 39.64 -38.40
CA LEU B 22 -5.83 38.92 -39.36
C LEU B 22 -6.75 37.87 -38.76
N GLN B 23 -6.24 37.09 -37.79
CA GLN B 23 -7.10 36.09 -37.11
C GLN B 23 -6.47 35.55 -35.82
N ARG B 24 -7.31 35.08 -34.90
CA ARG B 24 -6.86 34.47 -33.67
C ARG B 24 -6.61 33.01 -33.96
N LEU B 25 -5.43 32.51 -33.61
CA LEU B 25 -5.06 31.14 -33.90
C LEU B 25 -5.26 30.18 -32.73
N GLY B 26 -5.04 30.65 -31.51
CA GLY B 26 -5.15 29.81 -30.34
C GLY B 26 -4.16 30.18 -29.24
N GLY B 27 -4.23 29.52 -28.09
CA GLY B 27 -3.34 29.81 -26.98
C GLY B 27 -2.17 28.85 -26.86
N GLY B 28 -1.17 29.27 -26.10
CA GLY B 28 -0.04 28.42 -25.77
C GLY B 28 -0.07 28.10 -24.29
N THR B 29 1.11 27.90 -23.67
CA THR B 29 1.23 27.66 -22.21
C THR B 29 0.55 28.82 -21.46
N TYR B 30 0.76 30.04 -21.98
CA TYR B 30 0.08 31.27 -21.58
C TYR B 30 0.06 32.18 -22.85
N GLY B 31 -0.84 33.15 -22.90
CA GLY B 31 -0.96 34.04 -24.04
C GLY B 31 -1.80 33.50 -25.17
N GLU B 32 -2.18 34.37 -26.10
CA GLU B 32 -2.99 34.04 -27.28
C GLU B 32 -2.19 34.42 -28.50
N VAL B 33 -2.10 33.53 -29.49
CA VAL B 33 -1.35 33.79 -30.70
C VAL B 33 -2.25 34.26 -31.82
N PHE B 34 -1.85 35.31 -32.52
CA PHE B 34 -2.61 35.89 -33.63
C PHE B 34 -1.80 35.88 -34.90
N LYS B 35 -2.47 35.68 -36.03
CA LYS B 35 -1.84 35.78 -37.33
C LYS B 35 -1.88 37.26 -37.68
N ALA B 36 -0.74 37.86 -38.02
CA ALA B 36 -0.73 39.30 -38.36
C ALA B 36 0.05 39.56 -39.66
N ARG B 37 -0.19 40.71 -40.31
CA ARG B 37 0.49 41.04 -41.57
C ARG B 37 1.24 42.35 -41.45
N ASP B 38 2.50 42.37 -41.85
CA ASP B 38 3.34 43.56 -41.83
C ASP B 38 2.77 44.57 -42.83
N LYS B 39 2.48 45.78 -42.36
CA LYS B 39 1.86 46.81 -43.18
C LYS B 39 2.76 47.29 -44.35
N VAL B 40 4.09 47.26 -44.15
CA VAL B 40 5.01 47.71 -45.17
C VAL B 40 5.32 46.63 -46.22
N SER B 41 5.72 45.42 -45.79
CA SER B 41 6.13 44.37 -46.69
C SER B 41 5.10 43.32 -47.03
N GLY B 42 3.99 43.28 -46.31
CA GLY B 42 2.98 42.25 -46.53
C GLY B 42 3.36 40.89 -45.95
N ASP B 43 4.52 40.80 -45.27
CA ASP B 43 5.01 39.55 -44.67
C ASP B 43 4.16 39.15 -43.47
N LEU B 44 3.83 37.87 -43.34
CA LEU B 44 3.04 37.40 -42.22
C LEU B 44 3.92 37.12 -41.02
N VAL B 45 3.42 37.46 -39.82
CA VAL B 45 4.07 37.17 -38.56
C VAL B 45 3.06 36.54 -37.58
N ALA B 46 3.55 35.92 -36.50
CA ALA B 46 2.74 35.43 -35.41
C ALA B 46 2.93 36.43 -34.26
N LEU B 47 1.84 36.88 -33.66
CA LEU B 47 1.91 37.80 -32.50
C LEU B 47 1.30 37.12 -31.27
N LYS B 48 2.11 36.82 -30.27
CA LYS B 48 1.57 36.22 -29.02
C LYS B 48 1.27 37.33 -28.02
N MET B 49 -0.01 37.53 -27.69
CA MET B 49 -0.41 38.61 -26.75
C MET B 49 -0.52 38.03 -25.34
N VAL B 50 0.14 38.65 -24.36
CA VAL B 50 0.04 38.21 -22.95
C VAL B 50 -0.48 39.39 -22.11
N LYS B 51 -1.58 39.19 -21.40
CA LYS B 51 -2.17 40.24 -20.59
C LYS B 51 -1.37 40.41 -19.31
N MET B 52 -1.13 41.66 -18.88
CA MET B 52 -0.40 41.96 -17.64
C MET B 52 -1.08 43.06 -16.88
N ASP B 56 1.71 41.72 -11.10
CA ASP B 56 2.16 40.47 -11.72
C ASP B 56 3.67 40.38 -11.65
N ASP B 57 4.17 39.17 -11.46
CA ASP B 57 5.61 38.95 -11.52
C ASP B 57 5.88 38.86 -13.04
N VAL B 58 6.61 39.83 -13.60
CA VAL B 58 6.94 39.80 -15.03
C VAL B 58 8.19 38.91 -15.32
N SER B 59 8.75 38.23 -14.28
CA SER B 59 9.96 37.42 -14.39
C SER B 59 9.89 36.32 -15.44
N THR B 60 8.75 35.63 -15.58
CA THR B 60 8.59 34.58 -16.56
C THR B 60 8.64 35.11 -17.98
N LEU B 61 7.94 36.23 -18.24
CA LEU B 61 7.95 36.85 -19.56
C LEU B 61 9.31 37.37 -19.92
N GLN B 62 10.03 37.94 -18.94
CA GLN B 62 11.40 38.43 -19.21
C GLN B 62 12.31 37.28 -19.62
N LYS B 63 12.15 36.11 -19.00
CA LYS B 63 12.94 34.95 -19.33
C LYS B 63 12.56 34.39 -20.67
N GLU B 64 11.27 34.40 -21.02
CA GLU B 64 10.81 33.88 -22.28
C GLU B 64 11.39 34.68 -23.43
N ILE B 65 11.38 36.00 -23.27
CA ILE B 65 11.91 36.91 -24.25
C ILE B 65 13.40 36.73 -24.40
N LEU B 66 14.11 36.61 -23.29
CA LEU B 66 15.55 36.37 -23.31
C LEU B 66 15.89 35.06 -24.04
N ILE B 67 15.13 33.98 -23.78
CA ILE B 67 15.32 32.70 -24.48
C ILE B 67 15.15 32.86 -25.99
N LEU B 68 14.04 33.50 -26.43
CA LEU B 68 13.78 33.70 -27.86
C LEU B 68 14.80 34.61 -28.56
N LYS B 69 15.18 35.72 -27.88
CA LYS B 69 16.10 36.73 -28.36
C LYS B 69 17.50 36.19 -28.56
N THR B 70 17.95 35.28 -27.69
CA THR B 70 19.29 34.74 -27.80
C THR B 70 19.38 33.45 -28.68
N CYS B 71 18.31 33.08 -29.37
CA CYS B 71 18.29 31.93 -30.27
C CYS B 71 18.45 32.42 -31.69
N ARG B 72 19.42 31.86 -32.43
CA ARG B 72 19.61 32.20 -33.83
C ARG B 72 19.87 30.90 -34.55
N HIS B 73 18.81 30.12 -34.76
CA HIS B 73 18.91 28.81 -35.39
C HIS B 73 17.65 28.59 -36.22
N ALA B 74 17.79 27.97 -37.38
CA ALA B 74 16.67 27.77 -38.29
C ALA B 74 15.53 26.91 -37.72
N ASN B 75 15.84 25.94 -36.85
CA ASN B 75 14.83 25.07 -36.28
C ASN B 75 14.12 25.65 -35.03
N ILE B 76 14.35 26.92 -34.71
CA ILE B 76 13.72 27.57 -33.59
C ILE B 76 13.00 28.78 -34.14
N VAL B 77 11.72 29.03 -33.76
CA VAL B 77 10.98 30.16 -34.33
C VAL B 77 11.74 31.46 -34.18
N ALA B 78 11.84 32.15 -35.29
CA ALA B 78 12.54 33.41 -35.32
C ALA B 78 11.82 34.45 -34.47
N TYR B 79 12.57 35.28 -33.77
CA TYR B 79 12.08 36.33 -32.90
C TYR B 79 12.31 37.68 -33.57
N HIS B 80 11.24 38.50 -33.68
CA HIS B 80 11.36 39.81 -34.31
C HIS B 80 11.23 41.00 -33.37
N GLY B 81 10.95 40.77 -32.10
CA GLY B 81 10.77 41.87 -31.15
C GLY B 81 9.46 41.82 -30.39
N SER B 82 9.31 42.66 -29.35
CA SER B 82 8.11 42.67 -28.52
C SER B 82 7.58 44.06 -28.32
N TYR B 83 6.28 44.18 -28.11
CA TYR B 83 5.61 45.45 -27.93
C TYR B 83 4.92 45.46 -26.60
N LEU B 84 5.02 46.58 -25.88
CA LEU B 84 4.35 46.74 -24.62
C LEU B 84 3.38 47.88 -24.83
N TRP B 85 2.09 47.62 -24.64
CA TRP B 85 1.07 48.64 -24.90
C TRP B 85 -0.22 48.29 -24.22
N LEU B 86 -0.74 49.24 -23.42
CA LEU B 86 -2.01 49.07 -22.71
C LEU B 86 -2.04 47.82 -21.84
N GLN B 87 -0.95 47.57 -21.14
CA GLN B 87 -0.74 46.44 -20.25
C GLN B 87 -0.85 45.05 -20.96
N LYS B 88 -0.47 45.02 -22.23
CA LYS B 88 -0.45 43.82 -23.02
C LYS B 88 0.91 43.73 -23.65
N LEU B 89 1.55 42.56 -23.53
CA LEU B 89 2.83 42.33 -24.14
C LEU B 89 2.59 41.50 -25.40
N TRP B 90 3.15 41.91 -26.53
CA TRP B 90 2.99 41.20 -27.79
C TRP B 90 4.35 40.73 -28.22
N ILE B 91 4.56 39.43 -28.32
CA ILE B 91 5.83 38.88 -28.76
C ILE B 91 5.69 38.54 -30.23
N CYS B 92 6.49 39.20 -31.07
CA CYS B 92 6.43 39.00 -32.51
C CYS B 92 7.40 37.91 -32.97
N MET B 93 6.87 36.89 -33.62
CA MET B 93 7.66 35.76 -34.05
C MET B 93 7.32 35.35 -35.46
N GLU B 94 8.12 34.46 -36.01
CA GLU B 94 7.96 33.88 -37.33
C GLU B 94 6.61 33.15 -37.43
N PHE B 95 5.86 33.37 -38.52
CA PHE B 95 4.58 32.70 -38.73
C PHE B 95 4.80 31.37 -39.44
N CYS B 96 4.08 30.33 -39.03
CA CYS B 96 4.18 29.00 -39.59
C CYS B 96 2.82 28.59 -40.13
N GLY B 97 2.67 28.76 -41.45
CA GLY B 97 1.43 28.59 -42.20
C GLY B 97 0.63 27.33 -42.04
N ALA B 98 1.28 26.20 -41.76
CA ALA B 98 0.55 24.95 -41.55
C ALA B 98 0.20 24.67 -40.08
N GLY B 99 0.60 25.55 -39.17
CA GLY B 99 0.33 25.34 -37.75
C GLY B 99 1.25 24.31 -37.13
N SER B 100 0.76 23.62 -36.09
CA SER B 100 1.56 22.61 -35.43
C SER B 100 1.33 21.23 -36.05
N LEU B 101 2.21 20.25 -35.77
CA LEU B 101 2.01 18.89 -36.26
C LEU B 101 0.67 18.31 -35.77
N GLN B 102 0.18 18.74 -34.61
CA GLN B 102 -1.10 18.30 -34.08
C GLN B 102 -2.26 18.83 -34.95
N ASP B 103 -2.18 20.08 -35.41
CA ASP B 103 -3.19 20.64 -36.33
C ASP B 103 -3.26 19.79 -37.63
N ILE B 104 -2.09 19.32 -38.09
CA ILE B 104 -1.98 18.52 -39.30
C ILE B 104 -2.46 17.07 -39.14
N TYR B 105 -1.89 16.30 -38.17
CA TYR B 105 -2.26 14.90 -38.02
C TYR B 105 -3.70 14.70 -37.57
N GLN B 106 -4.33 15.70 -36.94
CA GLN B 106 -5.74 15.58 -36.56
C GLN B 106 -6.66 15.50 -37.82
N VAL B 107 -6.18 16.04 -38.96
CA VAL B 107 -6.87 15.99 -40.22
C VAL B 107 -6.38 14.81 -41.09
N THR B 108 -5.04 14.71 -41.29
CA THR B 108 -4.42 13.74 -42.19
C THR B 108 -4.26 12.33 -41.65
N GLY B 109 -4.26 12.20 -40.35
CA GLY B 109 -4.00 10.91 -39.72
C GLY B 109 -2.51 10.68 -39.56
N SER B 110 -2.15 9.45 -39.26
CA SER B 110 -0.77 9.08 -38.97
C SER B 110 0.25 9.51 -39.99
N LEU B 111 1.41 9.97 -39.51
CA LEU B 111 2.49 10.35 -40.39
C LEU B 111 3.22 9.10 -40.81
N SER B 112 3.83 9.12 -41.97
CA SER B 112 4.65 7.97 -42.43
C SER B 112 5.97 7.97 -41.65
N GLU B 113 6.69 6.85 -41.71
CA GLU B 113 7.97 6.74 -41.01
C GLU B 113 8.98 7.75 -41.51
N LEU B 114 9.03 7.98 -42.81
CA LEU B 114 9.93 8.96 -43.42
C LEU B 114 9.62 10.38 -42.97
N GLN B 115 8.33 10.75 -42.91
CA GLN B 115 7.93 12.08 -42.47
C GLN B 115 8.31 12.29 -41.00
N ILE B 116 8.11 11.27 -40.15
CA ILE B 116 8.49 11.30 -38.73
C ILE B 116 10.01 11.41 -38.59
N SER B 117 10.76 10.71 -39.45
CA SER B 117 12.21 10.70 -39.43
C SER B 117 12.76 12.10 -39.69
N TYR B 118 12.21 12.82 -40.68
CA TYR B 118 12.58 14.18 -41.00
C TYR B 118 12.26 15.13 -39.85
N VAL B 119 11.03 15.06 -39.29
CA VAL B 119 10.64 15.88 -38.15
C VAL B 119 11.59 15.65 -36.96
N CYS B 120 11.91 14.37 -36.64
CA CYS B 120 12.86 14.04 -35.54
C CYS B 120 14.22 14.62 -35.78
N ARG B 121 14.69 14.57 -37.04
CA ARG B 121 15.99 15.16 -37.36
C ARG B 121 15.98 16.68 -37.12
N GLU B 122 14.93 17.37 -37.60
CA GLU B 122 14.83 18.81 -37.44
C GLU B 122 14.70 19.23 -35.98
N VAL B 123 13.89 18.50 -35.21
CA VAL B 123 13.73 18.77 -33.78
C VAL B 123 15.05 18.55 -33.05
N LEU B 124 15.77 17.47 -33.38
CA LEU B 124 17.06 17.16 -32.77
C LEU B 124 18.10 18.26 -33.06
N GLN B 125 18.07 18.85 -34.28
CA GLN B 125 18.97 19.94 -34.62
C GLN B 125 18.65 21.16 -33.73
N GLY B 126 17.38 21.46 -33.56
CA GLY B 126 16.94 22.55 -32.69
C GLY B 126 17.32 22.29 -31.24
N LEU B 127 17.12 21.04 -30.75
CA LEU B 127 17.47 20.64 -29.37
C LEU B 127 18.98 20.68 -29.14
N ALA B 128 19.78 20.20 -30.08
CA ALA B 128 21.25 20.24 -29.94
C ALA B 128 21.73 21.69 -29.78
N TYR B 129 21.13 22.62 -30.54
CA TYR B 129 21.46 24.04 -30.44
C TYR B 129 21.04 24.62 -29.07
N LEU B 130 19.81 24.31 -28.59
CA LEU B 130 19.30 24.80 -27.33
C LEU B 130 20.16 24.33 -26.19
N HIS B 131 20.48 23.03 -26.16
CA HIS B 131 21.30 22.42 -25.13
C HIS B 131 22.74 22.97 -25.17
N SER B 132 23.24 23.35 -26.36
CA SER B 132 24.57 23.96 -26.48
C SER B 132 24.62 25.35 -25.81
N GLN B 133 23.45 26.02 -25.64
CA GLN B 133 23.34 27.31 -24.95
C GLN B 133 22.90 27.15 -23.50
N LYS B 134 22.92 25.94 -22.95
CA LYS B 134 22.44 25.57 -21.63
C LYS B 134 20.93 25.88 -21.45
N LYS B 135 20.15 25.73 -22.53
CA LYS B 135 18.70 25.92 -22.48
C LYS B 135 18.00 24.55 -22.55
N ILE B 136 16.85 24.43 -21.95
CA ILE B 136 16.06 23.20 -21.97
C ILE B 136 14.66 23.59 -22.43
N HIS B 137 14.11 22.90 -23.43
CA HIS B 137 12.77 23.20 -23.92
C HIS B 137 11.70 22.80 -22.87
N ARG B 138 11.73 21.55 -22.41
CA ARG B 138 10.86 20.97 -21.38
C ARG B 138 9.39 20.78 -21.82
N ASP B 139 9.05 21.18 -23.04
CA ASP B 139 7.69 21.03 -23.51
C ASP B 139 7.62 20.53 -24.98
N ILE B 140 8.49 19.58 -25.30
CA ILE B 140 8.49 18.99 -26.63
C ILE B 140 7.25 18.10 -26.83
N LYS B 141 6.45 18.43 -27.84
CA LYS B 141 5.27 17.69 -28.22
C LYS B 141 4.83 18.19 -29.60
N GLY B 142 3.96 17.42 -30.27
CA GLY B 142 3.38 17.79 -31.55
C GLY B 142 2.83 19.21 -31.63
N ALA B 143 2.21 19.73 -30.58
CA ALA B 143 1.64 21.10 -30.58
C ALA B 143 2.72 22.19 -30.58
N ASN B 144 3.92 21.86 -30.10
CA ASN B 144 5.02 22.82 -30.04
C ASN B 144 6.03 22.71 -31.20
N ILE B 145 5.73 21.85 -32.18
CA ILE B 145 6.55 21.69 -33.35
C ILE B 145 5.74 22.21 -34.50
N LEU B 146 6.15 23.34 -35.03
CA LEU B 146 5.42 24.03 -36.07
C LEU B 146 5.98 23.77 -37.45
N ILE B 147 5.10 23.85 -38.46
CA ILE B 147 5.43 23.60 -39.85
C ILE B 147 5.05 24.79 -40.67
N ASN B 148 5.98 25.39 -41.42
CA ASN B 148 5.63 26.50 -42.29
C ASN B 148 5.16 25.98 -43.68
N ASP B 149 4.75 26.88 -44.58
CA ASP B 149 4.25 26.52 -45.90
C ASP B 149 5.26 25.77 -46.76
N ALA B 150 6.56 26.02 -46.51
CA ALA B 150 7.68 25.41 -47.19
C ALA B 150 8.04 24.01 -46.63
N GLY B 151 7.23 23.46 -45.73
CA GLY B 151 7.51 22.17 -45.12
C GLY B 151 8.60 22.22 -44.06
N GLU B 152 9.03 23.42 -43.62
CA GLU B 152 10.08 23.54 -42.62
C GLU B 152 9.58 23.39 -41.20
N VAL B 153 10.43 22.87 -40.33
CA VAL B 153 10.14 22.55 -38.93
C VAL B 153 10.70 23.57 -37.94
N ARG B 154 9.87 24.08 -37.02
CA ARG B 154 10.32 25.05 -36.01
C ARG B 154 9.82 24.70 -34.61
N LEU B 155 10.71 24.73 -33.61
CA LEU B 155 10.33 24.56 -32.21
C LEU B 155 9.75 25.88 -31.71
N ALA B 156 8.66 25.81 -30.93
CA ALA B 156 8.02 27.00 -30.42
C ALA B 156 7.56 26.77 -28.94
N ASP B 157 7.16 27.86 -28.28
CA ASP B 157 6.60 27.90 -26.93
C ASP B 157 7.58 27.54 -25.88
N PHE B 158 8.35 28.53 -25.49
CA PHE B 158 9.29 28.42 -24.38
C PHE B 158 8.66 28.82 -23.05
N GLY B 159 7.33 28.86 -22.96
CA GLY B 159 6.61 29.23 -21.75
C GLY B 159 6.95 28.36 -20.56
N ILE B 160 6.96 27.04 -20.75
CA ILE B 160 7.28 26.10 -19.68
C ILE B 160 8.77 26.32 -19.26
N SER B 161 9.65 26.43 -20.25
CA SER B 161 11.07 26.66 -20.01
C SER B 161 11.31 27.95 -19.20
N ALA B 162 10.55 29.02 -19.52
CA ALA B 162 10.64 30.30 -18.86
C ALA B 162 10.11 30.19 -17.44
N GLN B 163 8.98 29.50 -17.24
CA GLN B 163 8.38 29.32 -15.90
C GLN B 163 9.33 28.58 -14.98
N ILE B 164 9.96 27.54 -15.48
CA ILE B 164 10.93 26.76 -14.71
C ILE B 164 12.18 27.57 -14.36
N GLY B 165 12.70 28.30 -15.34
CA GLY B 165 13.87 29.15 -15.11
C GLY B 165 13.59 30.26 -14.12
N ALA B 166 12.37 30.86 -14.18
CA ALA B 166 12.00 31.93 -13.26
C ALA B 166 11.79 31.36 -11.86
N GLU B 167 11.13 30.20 -11.76
CA GLU B 167 10.85 29.52 -10.51
C GLU B 167 12.15 29.12 -9.80
N LEU B 168 13.14 28.62 -10.55
CA LEU B 168 14.45 28.24 -10.02
C LEU B 168 15.18 29.46 -9.46
N ALA B 169 15.11 30.59 -10.17
CA ALA B 169 15.74 31.83 -9.75
C ALA B 169 15.07 32.43 -8.51
N ARG B 170 13.75 32.32 -8.44
CA ARG B 170 12.96 32.82 -7.32
C ARG B 170 13.20 31.96 -6.06
N ARG B 171 13.45 30.63 -6.24
CA ARG B 171 13.75 29.65 -5.19
C ARG B 171 15.10 29.94 -4.52
N LEU B 172 16.18 30.13 -5.32
CA LEU B 172 17.50 30.42 -4.77
C LEU B 172 17.51 31.70 -3.94
N GLU B 173 16.73 32.69 -4.36
CA GLU B 173 16.57 34.00 -3.74
C GLU B 173 15.92 33.92 -2.33
N PHE B 174 15.01 32.95 -2.11
CA PHE B 174 14.29 32.78 -0.84
C PHE B 174 14.63 31.47 -0.11
N ILE B 175 15.75 30.81 -0.47
CA ILE B 175 16.13 29.53 0.14
C ILE B 175 16.61 29.67 1.61
N GLY B 176 17.01 30.89 2.02
CA GLY B 176 17.45 31.17 3.39
C GLY B 176 18.79 30.57 3.75
N THR B 177 18.99 30.22 5.05
CA THR B 177 20.25 29.61 5.47
C THR B 177 20.32 28.15 5.09
N PRO B 178 21.40 27.75 4.42
CA PRO B 178 21.52 26.36 3.98
C PRO B 178 22.44 25.49 4.84
N TYR B 179 22.90 25.99 5.99
CA TYR B 179 23.87 25.28 6.83
C TYR B 179 23.40 23.93 7.36
N TRP B 180 22.08 23.77 7.53
CA TRP B 180 21.53 22.46 8.01
C TRP B 180 20.98 21.64 6.84
N MET B 181 21.13 22.14 5.61
CA MET B 181 20.53 21.45 4.44
C MET B 181 21.37 20.24 4.01
N ALA B 182 20.71 19.17 3.58
CA ALA B 182 21.41 17.95 3.10
C ALA B 182 21.91 18.18 1.68
N PRO B 183 23.02 17.55 1.23
CA PRO B 183 23.56 17.80 -0.10
C PRO B 183 22.58 17.63 -1.26
N GLU B 184 21.71 16.62 -1.19
CA GLU B 184 20.70 16.38 -2.22
C GLU B 184 19.66 17.51 -2.29
N VAL B 185 19.40 18.20 -1.17
CA VAL B 185 18.47 19.34 -1.13
C VAL B 185 19.16 20.55 -1.77
N ALA B 186 20.46 20.75 -1.48
CA ALA B 186 21.22 21.83 -2.07
C ALA B 186 21.38 21.65 -3.60
N ALA B 187 21.51 20.39 -4.05
CA ALA B 187 21.64 20.09 -5.48
C ALA B 187 20.36 20.40 -6.27
N VAL B 188 19.19 20.04 -5.74
CA VAL B 188 17.92 20.34 -6.40
C VAL B 188 17.68 21.87 -6.40
N ALA B 189 18.14 22.59 -5.37
CA ALA B 189 17.98 24.04 -5.32
C ALA B 189 18.82 24.76 -6.40
N LEU B 190 20.01 24.22 -6.69
CA LEU B 190 20.89 24.83 -7.69
C LEU B 190 20.64 24.39 -9.14
N LYS B 191 20.39 23.08 -9.37
CA LYS B 191 20.25 22.56 -10.73
C LYS B 191 18.96 21.83 -11.04
N GLY B 192 17.97 21.90 -10.16
CA GLY B 192 16.74 21.15 -10.35
C GLY B 192 16.97 19.65 -10.18
N GLY B 193 15.95 18.85 -10.41
CA GLY B 193 16.09 17.41 -10.26
C GLY B 193 16.38 16.66 -11.53
N TYR B 194 16.69 17.38 -12.62
CA TYR B 194 16.93 16.74 -13.92
C TYR B 194 17.76 17.60 -14.85
N ASN B 195 18.06 17.11 -16.09
CA ASN B 195 18.83 17.89 -17.05
C ASN B 195 18.15 17.94 -18.45
N GLU B 196 18.85 18.44 -19.48
CA GLU B 196 18.36 18.61 -20.85
C GLU B 196 17.95 17.30 -21.54
N LEU B 197 18.40 16.15 -21.03
CA LEU B 197 18.07 14.85 -21.60
C LEU B 197 16.58 14.51 -21.50
N CYS B 198 15.81 15.28 -20.67
CA CYS B 198 14.37 15.13 -20.61
C CYS B 198 13.73 15.41 -21.99
N ASP B 199 14.33 16.32 -22.79
CA ASP B 199 13.90 16.71 -24.15
C ASP B 199 14.02 15.56 -25.15
N ILE B 200 15.02 14.69 -24.96
CA ILE B 200 15.25 13.50 -25.81
C ILE B 200 14.13 12.49 -25.55
N TRP B 201 13.72 12.33 -24.29
CA TRP B 201 12.61 11.43 -23.94
C TRP B 201 11.33 11.98 -24.59
N SER B 202 11.02 13.27 -24.40
CA SER B 202 9.83 13.90 -24.98
C SER B 202 9.77 13.76 -26.49
N LEU B 203 10.93 13.80 -27.17
CA LEU B 203 10.97 13.61 -28.60
C LEU B 203 10.56 12.16 -28.99
N GLY B 204 10.98 11.16 -28.23
CA GLY B 204 10.58 9.78 -28.46
C GLY B 204 9.07 9.62 -28.29
N ILE B 205 8.50 10.25 -27.24
CA ILE B 205 7.07 10.21 -27.03
C ILE B 205 6.35 10.89 -28.21
N THR B 206 6.92 12.01 -28.71
CA THR B 206 6.39 12.75 -29.87
C THR B 206 6.43 11.90 -31.12
N ALA B 207 7.49 11.12 -31.34
CA ALA B 207 7.58 10.21 -32.49
C ALA B 207 6.40 9.16 -32.42
N ILE B 208 6.12 8.62 -31.24
CA ILE B 208 4.97 7.72 -31.03
C ILE B 208 3.63 8.48 -31.29
N GLU B 209 3.48 9.71 -30.79
CA GLU B 209 2.31 10.57 -31.04
C GLU B 209 2.10 10.84 -32.55
N LEU B 210 3.19 11.03 -33.31
CA LEU B 210 3.06 11.27 -34.75
C LEU B 210 2.62 9.99 -35.47
N ALA B 211 3.08 8.84 -34.97
CA ALA B 211 2.78 7.54 -35.53
C ALA B 211 1.40 7.02 -35.13
N GLU B 212 0.92 7.35 -33.93
CA GLU B 212 -0.33 6.79 -33.40
C GLU B 212 -1.44 7.79 -33.09
N LEU B 213 -1.20 9.08 -33.31
CA LEU B 213 -2.15 10.18 -33.09
C LEU B 213 -2.37 10.55 -31.65
N GLN B 214 -1.74 9.86 -30.71
CA GLN B 214 -1.82 10.17 -29.29
C GLN B 214 -0.54 9.68 -28.62
N PRO B 215 -0.11 10.36 -27.54
CA PRO B 215 1.03 9.83 -26.78
C PRO B 215 0.58 8.59 -25.99
N PRO B 216 1.50 7.71 -25.57
CA PRO B 216 1.10 6.55 -24.74
C PRO B 216 0.37 6.98 -23.45
N LEU B 217 -0.64 6.22 -23.02
CA LEU B 217 -1.41 6.51 -21.80
C LEU B 217 -2.26 7.77 -21.87
N PHE B 218 -2.51 8.34 -23.06
CA PHE B 218 -3.30 9.57 -23.15
C PHE B 218 -4.67 9.47 -22.47
N ASP B 219 -5.32 8.32 -22.58
CA ASP B 219 -6.64 8.12 -21.99
C ASP B 219 -6.64 7.89 -20.46
N VAL B 220 -5.45 7.87 -19.84
CA VAL B 220 -5.28 7.69 -18.41
C VAL B 220 -5.19 9.07 -17.72
N HIS B 221 -5.78 9.21 -16.52
CA HIS B 221 -5.77 10.46 -15.76
C HIS B 221 -4.35 11.00 -15.59
N PRO B 222 -4.15 12.31 -15.84
CA PRO B 222 -2.79 12.88 -15.77
C PRO B 222 -2.02 12.61 -14.49
N LEU B 223 -2.73 12.66 -13.34
CA LEU B 223 -2.14 12.41 -12.03
C LEU B 223 -1.77 10.93 -11.91
N ARG B 224 -2.62 10.01 -12.42
CA ARG B 224 -2.30 8.59 -12.40
C ARG B 224 -1.09 8.28 -13.28
N VAL B 225 -0.93 9.00 -14.41
CA VAL B 225 0.23 8.81 -15.30
C VAL B 225 1.51 9.19 -14.56
N LEU B 226 1.51 10.33 -13.84
CA LEU B 226 2.66 10.79 -13.04
C LEU B 226 3.07 9.72 -12.03
N PHE B 227 2.08 9.11 -11.34
CA PHE B 227 2.34 8.06 -10.36
C PHE B 227 2.86 6.78 -11.00
N LEU B 228 2.28 6.39 -12.13
CA LEU B 228 2.76 5.18 -12.86
C LEU B 228 4.24 5.38 -13.21
N MET B 229 4.58 6.53 -13.81
CA MET B 229 5.98 6.81 -14.23
C MET B 229 6.87 6.89 -12.99
N THR B 230 6.34 7.45 -11.89
CA THR B 230 7.13 7.60 -10.64
C THR B 230 6.99 6.34 -9.79
N GLY B 233 9.09 -0.07 -11.37
CA GLY B 233 8.70 -1.03 -12.39
C GLY B 233 8.24 -0.42 -13.71
N TYR B 234 8.24 0.92 -13.82
CA TYR B 234 7.79 1.57 -15.05
C TYR B 234 8.57 1.15 -16.28
N GLN B 235 7.87 0.65 -17.30
CA GLN B 235 8.51 0.26 -18.54
C GLN B 235 8.28 1.32 -19.60
N PRO B 236 9.37 1.81 -20.22
CA PRO B 236 9.22 2.81 -21.28
C PRO B 236 8.29 2.34 -22.41
N PRO B 237 7.48 3.26 -22.94
CA PRO B 237 6.51 2.86 -23.99
C PRO B 237 7.16 2.35 -25.27
N ARG B 238 6.36 1.66 -26.07
CA ARG B 238 6.78 1.12 -27.35
C ARG B 238 5.71 1.42 -28.42
N LEU B 239 6.07 1.31 -29.70
CA LEU B 239 5.10 1.46 -30.78
C LEU B 239 4.16 0.24 -30.75
N LYS B 240 2.85 0.46 -30.98
CA LYS B 240 1.83 -0.57 -30.94
C LYS B 240 1.99 -1.64 -32.03
N GLU B 241 1.97 -1.22 -33.30
CA GLU B 241 2.05 -2.15 -34.41
C GLU B 241 3.50 -2.34 -34.86
N LYS B 242 4.14 -3.40 -34.38
CA LYS B 242 5.53 -3.70 -34.69
C LYS B 242 5.80 -3.85 -36.19
N GLY B 243 4.92 -4.57 -36.88
CA GLY B 243 5.06 -4.83 -38.31
C GLY B 243 4.88 -3.63 -39.23
N LYS B 244 4.36 -2.52 -38.70
CA LYS B 244 4.14 -1.31 -39.47
C LYS B 244 5.43 -0.47 -39.63
N TRP B 245 6.39 -0.62 -38.71
CA TRP B 245 7.60 0.21 -38.69
C TRP B 245 8.88 -0.58 -38.79
N SER B 246 9.92 0.05 -39.33
CA SER B 246 11.23 -0.59 -39.49
C SER B 246 11.90 -0.78 -38.14
N ALA B 247 12.88 -1.70 -38.09
CA ALA B 247 13.65 -1.94 -36.88
C ALA B 247 14.43 -0.67 -36.48
N ALA B 248 14.76 0.23 -37.44
CA ALA B 248 15.45 1.49 -37.15
C ALA B 248 14.55 2.42 -36.33
N PHE B 249 13.26 2.49 -36.68
CA PHE B 249 12.29 3.33 -35.95
C PHE B 249 12.08 2.73 -34.53
N HIS B 250 11.96 1.41 -34.43
CA HIS B 250 11.82 0.76 -33.12
C HIS B 250 13.06 1.02 -32.25
N ASN B 251 14.28 0.96 -32.85
CA ASN B 251 15.50 1.25 -32.10
C ASN B 251 15.56 2.72 -31.68
N PHE B 252 15.11 3.64 -32.55
CA PHE B 252 15.09 5.07 -32.23
C PHE B 252 14.24 5.32 -30.98
N ILE B 253 13.06 4.68 -30.92
CA ILE B 253 12.15 4.76 -29.78
C ILE B 253 12.81 4.16 -28.55
N LYS B 254 13.43 3.00 -28.71
CA LYS B 254 14.11 2.34 -27.62
C LYS B 254 15.18 3.23 -26.96
N VAL B 255 16.10 3.84 -27.77
CA VAL B 255 17.19 4.61 -27.17
C VAL B 255 16.74 6.01 -26.69
N THR B 256 15.78 6.68 -27.38
CA THR B 256 15.29 7.96 -26.88
C THR B 256 14.52 7.76 -25.57
N LEU B 257 13.78 6.64 -25.46
CA LEU B 257 13.03 6.35 -24.26
C LEU B 257 13.83 5.51 -23.27
N THR B 258 15.14 5.81 -23.12
CA THR B 258 15.98 5.12 -22.13
C THR B 258 15.55 5.67 -20.78
N LYS B 259 15.05 4.79 -19.88
CA LYS B 259 14.51 5.20 -18.59
C LYS B 259 15.51 6.01 -17.77
N SER B 260 16.75 5.52 -17.70
CA SER B 260 17.82 6.27 -16.98
C SER B 260 18.32 7.43 -17.86
N PRO B 261 18.22 8.69 -17.41
CA PRO B 261 18.75 9.83 -18.18
C PRO B 261 20.26 9.69 -18.37
N LYS B 262 20.95 9.09 -17.40
CA LYS B 262 22.42 8.92 -17.47
C LYS B 262 22.76 8.10 -18.72
N LYS B 263 21.94 7.11 -19.05
CA LYS B 263 22.21 6.23 -20.23
C LYS B 263 21.53 6.80 -21.48
N ARG B 264 20.69 7.82 -21.32
CA ARG B 264 19.95 8.42 -22.47
C ARG B 264 20.93 9.21 -23.34
N PRO B 265 20.97 8.99 -24.67
CA PRO B 265 21.89 9.73 -25.56
C PRO B 265 21.52 11.20 -25.68
N SER B 266 22.52 12.05 -25.92
CA SER B 266 22.34 13.47 -26.14
C SER B 266 21.70 13.76 -27.51
N ALA B 267 21.30 15.00 -27.79
CA ALA B 267 20.73 15.38 -29.09
C ALA B 267 21.75 15.22 -30.24
N THR B 268 23.03 15.58 -29.98
CA THR B 268 24.06 15.43 -30.99
C THR B 268 24.35 13.96 -31.27
N LYS B 269 24.35 13.12 -30.24
CA LYS B 269 24.54 11.68 -30.43
C LYS B 269 23.37 11.08 -31.23
N MET B 270 22.13 11.49 -30.89
CA MET B 270 20.94 11.04 -31.59
C MET B 270 20.94 11.45 -33.06
N LEU B 271 21.62 12.55 -33.43
CA LEU B 271 21.69 13.02 -34.81
C LEU B 271 22.45 12.08 -35.73
N SER B 272 23.27 11.18 -35.17
CA SER B 272 23.97 10.19 -35.99
C SER B 272 23.25 8.81 -35.96
N HIS B 273 22.06 8.72 -35.36
CA HIS B 273 21.28 7.48 -35.38
C HIS B 273 20.77 7.24 -36.81
N GLN B 274 20.76 5.98 -37.27
CA GLN B 274 20.36 5.65 -38.65
C GLN B 274 19.03 6.25 -39.08
N LEU B 275 18.03 6.30 -38.18
CA LEU B 275 16.72 6.79 -38.56
C LEU B 275 16.73 8.21 -39.05
N VAL B 276 17.48 9.07 -38.36
CA VAL B 276 17.51 10.49 -38.73
C VAL B 276 18.71 10.87 -39.61
N SER B 277 19.65 9.95 -39.83
CA SER B 277 20.79 10.25 -40.72
C SER B 277 20.60 9.68 -42.17
N GLN B 278 19.41 9.17 -42.52
CA GLN B 278 19.06 8.74 -43.88
C GLN B 278 19.20 9.93 -44.86
N PRO B 279 19.70 9.65 -46.07
CA PRO B 279 19.94 10.75 -47.04
C PRO B 279 18.72 11.34 -47.77
N GLY B 280 17.58 10.67 -47.71
CA GLY B 280 16.41 11.19 -48.42
C GLY B 280 15.47 12.03 -47.58
N LEU B 281 15.93 12.55 -46.43
CA LEU B 281 15.05 13.34 -45.55
C LEU B 281 15.13 14.82 -45.88
N ASN B 282 14.01 15.42 -46.27
CA ASN B 282 13.96 16.82 -46.61
C ASN B 282 12.50 17.36 -46.50
N ARG B 283 12.31 18.71 -46.62
CA ARG B 283 11.02 19.43 -46.53
C ARG B 283 9.95 18.87 -47.49
N GLY B 284 10.37 18.20 -48.59
CA GLY B 284 9.49 17.61 -49.59
C GLY B 284 8.55 16.55 -49.02
N LEU B 285 9.06 15.81 -48.01
CA LEU B 285 8.25 14.81 -47.27
C LEU B 285 7.06 15.50 -46.57
N ILE B 286 7.27 16.71 -46.04
CA ILE B 286 6.22 17.45 -45.37
C ILE B 286 5.32 18.14 -46.39
N LEU B 287 5.86 18.64 -47.52
CA LEU B 287 4.99 19.19 -48.59
C LEU B 287 4.00 18.10 -49.08
N ASP B 288 4.42 16.82 -49.09
CA ASP B 288 3.53 15.70 -49.43
C ASP B 288 2.39 15.59 -48.39
N LEU B 289 2.74 15.74 -47.11
CA LEU B 289 1.72 15.66 -46.02
C LEU B 289 0.76 16.85 -46.14
N LEU B 290 1.29 18.03 -46.46
CA LEU B 290 0.44 19.25 -46.57
C LEU B 290 -0.54 19.09 -47.73
N ASP B 291 -0.11 18.48 -48.84
CA ASP B 291 -1.03 18.22 -49.98
C ASP B 291 -2.15 17.28 -49.51
N LYS B 292 -1.83 16.31 -48.67
CA LYS B 292 -2.86 15.38 -48.13
C LYS B 292 -3.86 16.18 -47.30
N LEU B 293 -3.37 17.14 -46.52
CA LEU B 293 -4.27 18.01 -45.70
C LEU B 293 -5.24 18.73 -46.66
N LYS B 294 -4.71 19.33 -47.73
CA LYS B 294 -5.57 20.02 -48.72
C LYS B 294 -6.67 19.06 -49.19
N VAL C 6 -30.23 -16.52 20.23
CA VAL C 6 -29.12 -16.39 21.17
C VAL C 6 -28.99 -17.62 22.08
N ASP C 7 -30.09 -17.99 22.74
CA ASP C 7 -30.21 -19.16 23.64
C ASP C 7 -31.68 -19.28 24.01
N PRO C 8 -32.29 -20.47 23.83
CA PRO C 8 -33.71 -20.61 24.19
C PRO C 8 -34.02 -20.32 25.67
N ASP C 9 -33.03 -20.53 26.55
CA ASP C 9 -33.22 -20.31 27.98
C ASP C 9 -32.76 -18.91 28.45
N ILE C 10 -32.51 -17.96 27.53
CA ILE C 10 -32.07 -16.59 27.89
C ILE C 10 -33.07 -15.86 28.83
N PHE C 11 -32.57 -15.22 29.89
CA PHE C 11 -33.39 -14.43 30.81
C PHE C 11 -33.62 -13.06 30.19
N ASN C 12 -34.87 -12.71 29.91
CA ASN C 12 -35.18 -11.41 29.33
C ASN C 12 -35.49 -10.42 30.44
N ARG C 13 -34.42 -10.05 31.15
CA ARG C 13 -34.56 -9.12 32.30
C ARG C 13 -33.19 -8.49 32.58
N ASP C 14 -33.16 -7.38 33.32
CA ASP C 14 -31.94 -6.67 33.70
C ASP C 14 -31.20 -7.49 34.75
N PRO C 15 -29.91 -7.84 34.53
CA PRO C 15 -29.18 -8.62 35.53
C PRO C 15 -29.00 -7.87 36.86
N ARG C 16 -29.10 -6.52 36.85
CA ARG C 16 -29.01 -5.71 38.07
C ARG C 16 -30.22 -5.89 39.01
N ASP C 17 -31.28 -6.56 38.56
CA ASP C 17 -32.40 -6.90 39.42
C ASP C 17 -31.93 -7.96 40.45
N HIS C 18 -31.02 -8.89 40.02
CA HIS C 18 -30.51 -9.95 40.87
C HIS C 18 -29.08 -9.71 41.37
N TYR C 19 -28.29 -8.84 40.70
CA TYR C 19 -26.89 -8.67 41.07
C TYR C 19 -26.40 -7.22 41.23
N ASP C 20 -25.44 -7.01 42.11
CA ASP C 20 -24.78 -5.73 42.31
C ASP C 20 -23.43 -5.83 41.64
N LEU C 21 -23.13 -4.96 40.67
CA LEU C 21 -21.83 -4.97 40.02
C LEU C 21 -20.83 -4.34 40.96
N LEU C 22 -19.77 -5.07 41.29
CA LEU C 22 -18.77 -4.61 42.25
C LEU C 22 -17.49 -4.08 41.64
N GLN C 23 -16.95 -4.74 40.60
CA GLN C 23 -15.66 -4.33 40.05
C GLN C 23 -15.44 -4.88 38.65
N ARG C 24 -15.00 -4.02 37.71
CA ARG C 24 -14.65 -4.48 36.38
C ARG C 24 -13.30 -5.21 36.52
N LEU C 25 -13.24 -6.46 36.03
CA LEU C 25 -12.04 -7.27 36.18
C LEU C 25 -11.13 -7.24 34.95
N GLY C 26 -11.72 -7.12 33.78
CA GLY C 26 -10.99 -7.08 32.52
C GLY C 26 -11.70 -7.81 31.41
N GLY C 27 -11.14 -7.80 30.22
CA GLY C 27 -11.74 -8.48 29.09
C GLY C 27 -11.16 -9.85 28.82
N GLY C 28 -11.89 -10.63 28.05
CA GLY C 28 -11.44 -11.93 27.57
C GLY C 28 -11.20 -11.82 26.07
N THR C 29 -11.47 -12.90 25.32
CA THR C 29 -11.37 -12.88 23.86
C THR C 29 -12.29 -11.75 23.29
N TYR C 30 -13.48 -11.61 23.90
CA TYR C 30 -14.43 -10.53 23.69
C TYR C 30 -15.23 -10.33 24.99
N VAL C 33 -15.57 -8.73 31.68
CA VAL C 33 -15.96 -9.52 32.86
C VAL C 33 -16.04 -8.66 34.11
N PHE C 34 -17.13 -8.80 34.86
CA PHE C 34 -17.35 -8.05 36.09
C PHE C 34 -17.52 -8.98 37.26
N LYS C 35 -17.07 -8.54 38.43
CA LYS C 35 -17.28 -9.25 39.67
C LYS C 35 -18.66 -8.75 40.15
N ALA C 36 -19.63 -9.66 40.39
CA ALA C 36 -20.97 -9.28 40.83
C ALA C 36 -21.41 -10.02 42.09
N ARG C 37 -22.34 -9.44 42.86
CA ARG C 37 -22.83 -10.07 44.07
C ARG C 37 -24.32 -10.32 44.02
N ASP C 38 -24.76 -11.54 44.32
CA ASP C 38 -26.16 -11.91 44.35
C ASP C 38 -26.85 -11.12 45.49
N LYS C 39 -27.90 -10.38 45.15
CA LYS C 39 -28.60 -9.53 46.13
C LYS C 39 -29.26 -10.30 47.26
N VAL C 40 -29.73 -11.53 46.99
CA VAL C 40 -30.40 -12.34 48.00
C VAL C 40 -29.42 -13.11 48.89
N SER C 41 -28.49 -13.88 48.29
CA SER C 41 -27.58 -14.73 49.06
C SER C 41 -26.21 -14.15 49.38
N GLY C 42 -25.83 -13.07 48.71
CA GLY C 42 -24.51 -12.48 48.90
C GLY C 42 -23.40 -13.26 48.18
N ASP C 43 -23.77 -14.30 47.39
CA ASP C 43 -22.81 -15.12 46.65
C ASP C 43 -22.21 -14.35 45.49
N LEU C 44 -20.90 -14.48 45.28
CA LEU C 44 -20.24 -13.78 44.19
C LEU C 44 -20.34 -14.59 42.90
N VAL C 45 -20.54 -13.89 41.78
CA VAL C 45 -20.56 -14.50 40.45
C VAL C 45 -19.66 -13.63 39.50
N ALA C 46 -19.31 -14.18 38.33
CA ALA C 46 -18.62 -13.44 37.29
C ALA C 46 -19.66 -13.18 36.22
N LEU C 47 -19.79 -11.94 35.76
CA LEU C 47 -20.74 -11.61 34.71
C LEU C 47 -19.95 -11.11 33.50
N LYS C 48 -20.03 -11.83 32.39
CA LYS C 48 -19.37 -11.33 31.15
C LYS C 48 -20.38 -10.59 30.29
N MET C 49 -20.19 -9.28 30.10
CA MET C 49 -21.17 -8.47 29.33
C MET C 49 -20.65 -8.28 27.90
N VAL C 50 -21.45 -8.64 26.90
CA VAL C 50 -21.08 -8.45 25.48
C VAL C 50 -22.11 -7.50 24.85
N LYS C 51 -21.65 -6.48 24.13
CA LYS C 51 -22.57 -5.48 23.51
C LYS C 51 -23.15 -6.03 22.21
N MET C 52 -24.43 -5.76 21.93
CA MET C 52 -25.08 -6.22 20.72
C MET C 52 -25.89 -5.08 20.09
N ASP C 57 -24.33 -10.12 14.43
CA ASP C 57 -24.45 -11.57 14.35
C ASP C 57 -24.44 -12.20 15.74
N VAL C 58 -25.42 -13.08 15.96
CA VAL C 58 -25.72 -13.82 17.18
C VAL C 58 -24.95 -15.17 17.27
N SER C 59 -24.54 -15.72 16.12
CA SER C 59 -23.86 -17.02 15.95
C SER C 59 -22.73 -17.37 16.93
N THR C 60 -21.78 -16.44 17.22
CA THR C 60 -20.65 -16.71 18.12
C THR C 60 -21.11 -16.84 19.55
N LEU C 61 -21.90 -15.89 20.03
CA LEU C 61 -22.42 -15.93 21.39
C LEU C 61 -23.33 -17.13 21.63
N GLN C 62 -24.09 -17.53 20.62
CA GLN C 62 -24.96 -18.69 20.65
C GLN C 62 -24.10 -19.96 20.83
N LYS C 63 -22.99 -20.08 20.09
CA LYS C 63 -22.11 -21.26 20.26
C LYS C 63 -21.43 -21.24 21.63
N GLU C 64 -21.03 -20.05 22.11
CA GLU C 64 -20.34 -19.96 23.39
C GLU C 64 -21.22 -20.44 24.55
N ILE C 65 -22.47 -19.98 24.56
CA ILE C 65 -23.44 -20.32 25.58
C ILE C 65 -23.75 -21.81 25.50
N LEU C 66 -23.91 -22.34 24.27
CA LEU C 66 -24.16 -23.77 24.08
C LEU C 66 -23.02 -24.61 24.65
N ILE C 67 -21.76 -24.19 24.43
CA ILE C 67 -20.61 -24.90 24.97
C ILE C 67 -20.63 -24.89 26.51
N LEU C 68 -20.84 -23.73 27.12
CA LEU C 68 -20.89 -23.59 28.58
C LEU C 68 -22.06 -24.34 29.22
N LYS C 69 -23.23 -24.25 28.61
CA LYS C 69 -24.48 -24.85 29.07
C LYS C 69 -24.42 -26.37 29.06
N THR C 70 -23.77 -26.97 28.06
CA THR C 70 -23.72 -28.42 27.96
C THR C 70 -22.48 -29.03 28.69
N CYS C 71 -21.74 -28.24 29.47
CA CYS C 71 -20.61 -28.74 30.25
C CYS C 71 -21.05 -28.90 31.68
N ARG C 72 -20.86 -30.11 32.22
CA ARG C 72 -21.18 -30.39 33.64
C ARG C 72 -19.99 -31.14 34.25
N HIS C 73 -18.85 -30.44 34.43
CA HIS C 73 -17.63 -31.05 34.94
C HIS C 73 -16.97 -30.06 35.89
N ALA C 74 -16.37 -30.56 36.96
CA ALA C 74 -15.76 -29.71 37.97
C ALA C 74 -14.61 -28.83 37.45
N ASN C 75 -13.86 -29.30 36.45
CA ASN C 75 -12.73 -28.53 35.91
C ASN C 75 -13.13 -27.52 34.82
N ILE C 76 -14.44 -27.29 34.59
CA ILE C 76 -14.92 -26.32 33.62
C ILE C 76 -15.79 -25.33 34.37
N VAL C 77 -15.54 -24.04 34.20
CA VAL C 77 -16.24 -22.95 34.88
C VAL C 77 -17.79 -23.11 34.83
N ALA C 78 -18.43 -23.13 36.00
CA ALA C 78 -19.88 -23.34 36.09
C ALA C 78 -20.65 -22.24 35.43
N TYR C 79 -21.74 -22.62 34.73
CA TYR C 79 -22.59 -21.71 33.99
C TYR C 79 -23.92 -21.55 34.73
N HIS C 80 -24.34 -20.31 35.00
CA HIS C 80 -25.58 -20.06 35.73
C HIS C 80 -26.70 -19.46 34.89
N GLY C 81 -26.46 -19.16 33.63
CA GLY C 81 -27.47 -18.56 32.76
C GLY C 81 -27.05 -17.23 32.17
N SER C 82 -27.82 -16.72 31.24
CA SER C 82 -27.51 -15.46 30.58
C SER C 82 -28.71 -14.49 30.59
N TYR C 83 -28.43 -13.19 30.54
CA TYR C 83 -29.45 -12.15 30.53
C TYR C 83 -29.32 -11.31 29.27
N LEU C 84 -30.45 -10.96 28.67
CA LEU C 84 -30.47 -10.09 27.51
C LEU C 84 -31.25 -8.86 27.93
N TRP C 85 -30.60 -7.69 27.88
CA TRP C 85 -31.25 -6.45 28.31
C TRP C 85 -30.55 -5.23 27.79
N LEU C 86 -31.33 -4.34 27.14
CA LEU C 86 -30.83 -3.08 26.58
C LEU C 86 -29.66 -3.29 25.64
N GLN C 87 -29.82 -4.29 24.75
CA GLN C 87 -28.84 -4.68 23.74
C GLN C 87 -27.48 -5.13 24.33
N LYS C 88 -27.52 -5.72 25.53
CA LYS C 88 -26.32 -6.23 26.18
C LYS C 88 -26.61 -7.62 26.66
N LEU C 89 -25.70 -8.56 26.35
CA LEU C 89 -25.84 -9.94 26.80
C LEU C 89 -24.88 -10.15 27.97
N TRP C 90 -25.39 -10.71 29.07
CA TRP C 90 -24.58 -10.94 30.25
C TRP C 90 -24.55 -12.42 30.51
N ILE C 91 -23.37 -13.03 30.46
CA ILE C 91 -23.21 -14.46 30.71
C ILE C 91 -22.78 -14.62 32.15
N CYS C 92 -23.61 -15.27 32.96
CA CYS C 92 -23.34 -15.46 34.38
C CYS C 92 -22.61 -16.77 34.64
N MET C 93 -21.42 -16.67 35.22
CA MET C 93 -20.58 -17.81 35.48
C MET C 93 -20.01 -17.79 36.89
N GLU C 94 -19.43 -18.92 37.30
CA GLU C 94 -18.79 -19.12 38.57
C GLU C 94 -17.65 -18.09 38.76
N PHE C 95 -17.59 -17.43 39.92
CA PHE C 95 -16.52 -16.47 40.19
C PHE C 95 -15.32 -17.21 40.77
N CYS C 96 -14.10 -16.84 40.30
CA CYS C 96 -12.87 -17.48 40.76
C CYS C 96 -11.99 -16.43 41.43
N GLY C 97 -12.08 -16.39 42.76
CA GLY C 97 -11.42 -15.44 43.65
C GLY C 97 -9.98 -15.10 43.40
N ALA C 98 -9.14 -16.10 43.08
CA ALA C 98 -7.71 -15.84 42.81
C ALA C 98 -7.42 -15.42 41.34
N GLY C 99 -8.44 -15.43 40.48
CA GLY C 99 -8.29 -15.08 39.08
C GLY C 99 -7.62 -16.17 38.27
N SER C 100 -6.89 -15.79 37.24
CA SER C 100 -6.20 -16.74 36.38
C SER C 100 -4.81 -17.06 36.90
N LEU C 101 -4.19 -18.14 36.39
CA LEU C 101 -2.82 -18.46 36.76
C LEU C 101 -1.86 -17.34 36.34
N GLN C 102 -2.15 -16.60 35.28
CA GLN C 102 -1.33 -15.47 34.86
C GLN C 102 -1.39 -14.32 35.89
N ASP C 103 -2.57 -14.03 36.45
CA ASP C 103 -2.72 -13.03 37.51
C ASP C 103 -1.84 -13.41 38.72
N ILE C 104 -1.79 -14.72 39.04
CA ILE C 104 -1.02 -15.27 40.15
C ILE C 104 0.48 -15.27 39.91
N TYR C 105 0.99 -15.89 38.82
CA TYR C 105 2.44 -15.95 38.60
C TYR C 105 3.05 -14.57 38.33
N GLN C 106 2.26 -13.57 37.92
CA GLN C 106 2.78 -12.21 37.73
C GLN C 106 3.14 -11.53 39.09
N VAL C 107 2.66 -12.10 40.21
CA VAL C 107 2.91 -11.63 41.56
C VAL C 107 3.82 -12.65 42.28
N THR C 108 3.49 -13.96 42.18
CA THR C 108 4.19 -15.03 42.88
C THR C 108 5.43 -15.62 42.21
N GLY C 109 5.71 -15.25 40.97
CA GLY C 109 6.83 -15.83 40.23
C GLY C 109 6.55 -17.25 39.77
N SER C 110 7.58 -17.95 39.31
CA SER C 110 7.46 -19.32 38.81
C SER C 110 6.75 -20.28 39.74
N LEU C 111 5.94 -21.16 39.17
CA LEU C 111 5.29 -22.19 39.97
C LEU C 111 6.28 -23.34 40.14
N SER C 112 6.13 -24.07 41.23
CA SER C 112 6.97 -25.25 41.46
C SER C 112 6.51 -26.40 40.53
N GLU C 113 7.34 -27.45 40.37
CA GLU C 113 6.99 -28.58 39.53
C GLU C 113 5.73 -29.28 40.01
N LEU C 114 5.56 -29.42 41.34
CA LEU C 114 4.39 -30.06 41.93
C LEU C 114 3.14 -29.25 41.66
N GLN C 115 3.21 -27.93 41.80
CA GLN C 115 2.06 -27.07 41.54
C GLN C 115 1.64 -27.15 40.07
N ILE C 116 2.61 -27.16 39.13
CA ILE C 116 2.38 -27.30 37.69
C ILE C 116 1.79 -28.69 37.37
N SER C 117 2.26 -29.73 38.07
CA SER C 117 1.79 -31.10 37.90
C SER C 117 0.31 -31.22 38.24
N TYR C 118 -0.13 -30.60 39.35
CA TYR C 118 -1.52 -30.55 39.78
C TYR C 118 -2.38 -29.79 38.76
N VAL C 119 -1.92 -28.59 38.33
CA VAL C 119 -2.64 -27.78 37.32
C VAL C 119 -2.81 -28.60 36.02
N CYS C 120 -1.73 -29.23 35.56
CA CYS C 120 -1.79 -30.05 34.36
C CYS C 120 -2.77 -31.20 34.50
N ARG C 121 -2.81 -31.86 35.68
CA ARG C 121 -3.76 -32.93 35.91
C ARG C 121 -5.19 -32.42 35.80
N GLU C 122 -5.49 -31.29 36.48
CA GLU C 122 -6.81 -30.70 36.47
C GLU C 122 -7.24 -30.26 35.06
N VAL C 123 -6.33 -29.62 34.31
CA VAL C 123 -6.63 -29.18 32.93
C VAL C 123 -6.88 -30.40 32.04
N LEU C 124 -6.07 -31.45 32.18
CA LEU C 124 -6.24 -32.69 31.39
C LEU C 124 -7.59 -33.35 31.68
N GLN C 125 -8.08 -33.29 32.94
CA GLN C 125 -9.37 -33.84 33.29
C GLN C 125 -10.47 -33.04 32.58
N GLY C 126 -10.34 -31.71 32.55
CA GLY C 126 -11.27 -30.86 31.85
C GLY C 126 -11.24 -31.09 30.35
N LEU C 127 -10.04 -31.25 29.77
CA LEU C 127 -9.85 -31.51 28.35
C LEU C 127 -10.37 -32.87 27.93
N ALA C 128 -10.15 -33.92 28.73
CA ALA C 128 -10.67 -35.26 28.44
C ALA C 128 -12.19 -35.23 28.36
N TYR C 129 -12.83 -34.49 29.27
CA TYR C 129 -14.28 -34.32 29.28
C TYR C 129 -14.77 -33.55 28.04
N LEU C 130 -14.12 -32.43 27.73
CA LEU C 130 -14.46 -31.58 26.59
C LEU C 130 -14.37 -32.35 25.29
N HIS C 131 -13.27 -33.09 25.09
CA HIS C 131 -13.03 -33.89 23.90
C HIS C 131 -14.00 -35.07 23.81
N SER C 132 -14.46 -35.61 24.95
CA SER C 132 -15.45 -36.68 24.97
C SER C 132 -16.81 -36.20 24.45
N GLN C 133 -17.09 -34.87 24.51
CA GLN C 133 -18.33 -34.26 23.98
C GLN C 133 -18.11 -33.67 22.58
N LYS C 134 -16.98 -33.99 21.90
CA LYS C 134 -16.58 -33.45 20.60
C LYS C 134 -16.37 -31.92 20.63
N LYS C 135 -15.90 -31.41 21.77
CA LYS C 135 -15.62 -29.97 21.90
C LYS C 135 -14.10 -29.72 21.90
N ILE C 136 -13.67 -28.56 21.42
CA ILE C 136 -12.26 -28.20 21.41
C ILE C 136 -12.12 -26.84 22.07
N HIS C 137 -11.20 -26.70 23.05
CA HIS C 137 -11.01 -25.41 23.72
C HIS C 137 -10.32 -24.40 22.77
N ARG C 138 -9.17 -24.79 22.17
CA ARG C 138 -8.39 -23.98 21.21
C ARG C 138 -7.71 -22.73 21.82
N ASP C 139 -7.89 -22.48 23.12
CA ASP C 139 -7.26 -21.31 23.74
C ASP C 139 -6.71 -21.62 25.12
N ILE C 140 -6.09 -22.81 25.26
CA ILE C 140 -5.49 -23.20 26.53
C ILE C 140 -4.23 -22.36 26.78
N LYS C 141 -4.23 -21.65 27.93
CA LYS C 141 -3.13 -20.81 28.40
C LYS C 141 -3.39 -20.42 29.86
N GLY C 142 -2.38 -19.86 30.52
CA GLY C 142 -2.50 -19.45 31.92
C GLY C 142 -3.65 -18.51 32.19
N ALA C 143 -3.93 -17.59 31.25
CA ALA C 143 -5.01 -16.61 31.40
C ALA C 143 -6.40 -17.26 31.40
N ASN C 144 -6.52 -18.44 30.78
CA ASN C 144 -7.79 -19.14 30.68
C ASN C 144 -7.96 -20.28 31.70
N ILE C 145 -7.00 -20.42 32.63
CA ILE C 145 -7.08 -21.41 33.68
C ILE C 145 -7.24 -20.63 34.96
N LEU C 146 -8.45 -20.70 35.53
CA LEU C 146 -8.80 -19.93 36.71
C LEU C 146 -8.68 -20.74 37.99
N ILE C 147 -8.42 -20.05 39.10
CA ILE C 147 -8.25 -20.64 40.42
C ILE C 147 -9.20 -19.92 41.38
N ASN C 148 -10.11 -20.64 42.04
CA ASN C 148 -11.02 -19.99 43.01
C ASN C 148 -10.34 -19.85 44.40
N ASP C 149 -10.98 -19.18 45.37
CA ASP C 149 -10.39 -19.02 46.72
C ASP C 149 -10.04 -20.36 47.39
N ALA C 150 -10.74 -21.44 47.00
CA ALA C 150 -10.51 -22.80 47.50
C ALA C 150 -9.27 -23.49 46.93
N GLY C 151 -8.69 -22.94 45.86
CA GLY C 151 -7.53 -23.54 45.20
C GLY C 151 -7.91 -24.51 44.09
N GLU C 152 -9.17 -24.50 43.65
CA GLU C 152 -9.66 -25.40 42.60
C GLU C 152 -9.44 -24.79 41.19
N VAL C 153 -9.15 -25.65 40.20
CA VAL C 153 -8.80 -25.27 38.81
C VAL C 153 -9.98 -25.34 37.86
N ARG C 154 -10.24 -24.25 37.11
CA ARG C 154 -11.36 -24.21 36.16
C ARG C 154 -10.95 -23.67 34.79
N LEU C 155 -11.30 -24.37 33.71
CA LEU C 155 -11.06 -23.89 32.36
C LEU C 155 -12.15 -22.84 32.03
N ALA C 156 -11.75 -21.74 31.40
CA ALA C 156 -12.68 -20.67 31.07
C ALA C 156 -12.37 -20.09 29.66
N ASP C 157 -13.28 -19.24 29.15
CA ASP C 157 -13.18 -18.54 27.89
C ASP C 157 -13.19 -19.44 26.70
N PHE C 158 -14.40 -19.80 26.31
CA PHE C 158 -14.63 -20.54 25.08
C PHE C 158 -14.89 -19.60 23.90
N GLY C 159 -14.48 -18.33 24.00
CA GLY C 159 -14.67 -17.34 22.94
C GLY C 159 -13.99 -17.73 21.65
N ILE C 160 -12.74 -18.21 21.69
CA ILE C 160 -12.02 -18.65 20.51
C ILE C 160 -12.74 -19.86 19.91
N SER C 161 -13.08 -20.84 20.76
CA SER C 161 -13.80 -22.05 20.35
C SER C 161 -15.11 -21.71 19.63
N ALA C 162 -15.85 -20.73 20.18
CA ALA C 162 -17.12 -20.28 19.64
C ALA C 162 -16.92 -19.56 18.33
N GLN C 163 -15.90 -18.68 18.23
CA GLN C 163 -15.60 -17.94 17.00
C GLN C 163 -15.25 -18.89 15.87
N ILE C 164 -14.43 -19.89 16.15
CA ILE C 164 -14.05 -20.88 15.16
C ILE C 164 -15.24 -21.72 14.70
N GLY C 165 -16.06 -22.16 15.64
CA GLY C 165 -17.25 -22.93 15.32
C GLY C 165 -18.26 -22.13 14.51
N ALA C 166 -18.42 -20.84 14.82
CA ALA C 166 -19.34 -19.99 14.08
C ALA C 166 -18.79 -19.70 12.68
N GLU C 167 -17.48 -19.43 12.57
CA GLU C 167 -16.80 -19.13 11.32
C GLU C 167 -16.89 -20.31 10.37
N LEU C 168 -16.71 -21.52 10.90
CA LEU C 168 -16.78 -22.76 10.13
C LEU C 168 -18.19 -22.95 9.57
N ALA C 169 -19.22 -22.69 10.38
CA ALA C 169 -20.62 -22.82 10.00
C ALA C 169 -21.02 -21.76 8.98
N ARG C 170 -20.51 -20.56 9.12
CA ARG C 170 -20.78 -19.45 8.21
C ARG C 170 -20.11 -19.69 6.84
N ARG C 171 -18.89 -20.26 6.90
CA ARG C 171 -18.14 -20.56 5.66
C ARG C 171 -18.93 -21.58 4.81
N LEU C 172 -19.34 -22.69 5.43
CA LEU C 172 -19.99 -23.72 4.62
C LEU C 172 -21.28 -23.22 3.98
N GLU C 173 -21.97 -22.26 4.61
CA GLU C 173 -23.18 -21.67 4.00
C GLU C 173 -22.88 -20.70 2.83
N PHE C 174 -21.59 -20.34 2.65
CA PHE C 174 -21.07 -19.46 1.60
C PHE C 174 -20.03 -20.21 0.74
N ILE C 175 -20.00 -21.58 0.75
CA ILE C 175 -19.03 -22.36 -0.01
C ILE C 175 -19.57 -22.83 -1.40
N GLY C 176 -20.90 -22.81 -1.56
CA GLY C 176 -21.58 -23.18 -2.79
C GLY C 176 -21.48 -24.63 -3.17
N THR C 177 -21.49 -24.91 -4.49
CA THR C 177 -21.43 -26.27 -5.03
C THR C 177 -20.09 -26.96 -4.82
N PRO C 178 -20.14 -28.16 -4.23
CA PRO C 178 -18.91 -28.91 -4.00
C PRO C 178 -18.66 -30.04 -4.97
N TYR C 179 -19.44 -30.16 -6.05
CA TYR C 179 -19.33 -31.27 -6.98
C TYR C 179 -17.98 -31.38 -7.70
N TRP C 180 -17.27 -30.26 -7.85
CA TRP C 180 -15.92 -30.26 -8.48
C TRP C 180 -14.84 -30.14 -7.40
N MET C 181 -15.24 -29.98 -6.13
CA MET C 181 -14.26 -29.76 -5.03
C MET C 181 -13.46 -31.04 -4.77
N ALA C 182 -12.17 -30.89 -4.45
CA ALA C 182 -11.31 -32.05 -4.13
C ALA C 182 -11.59 -32.51 -2.70
N PRO C 183 -11.51 -33.82 -2.38
CA PRO C 183 -11.84 -34.31 -1.02
C PRO C 183 -11.13 -33.61 0.12
N GLU C 184 -9.86 -33.24 -0.06
CA GLU C 184 -9.12 -32.53 0.98
C GLU C 184 -9.66 -31.11 1.23
N VAL C 185 -10.25 -30.48 0.21
CA VAL C 185 -10.89 -29.17 0.34
C VAL C 185 -12.23 -29.33 1.07
N ALA C 186 -12.97 -30.41 0.78
CA ALA C 186 -14.25 -30.68 1.46
C ALA C 186 -14.00 -31.02 2.93
N ALA C 187 -12.88 -31.71 3.25
CA ALA C 187 -12.53 -32.07 4.62
C ALA C 187 -12.21 -30.84 5.47
N VAL C 188 -11.42 -29.90 4.95
CA VAL C 188 -11.12 -28.66 5.68
C VAL C 188 -12.38 -27.80 5.85
N ALA C 189 -13.32 -27.85 4.90
CA ALA C 189 -14.57 -27.10 5.00
C ALA C 189 -15.48 -27.66 6.10
N LEU C 190 -15.47 -28.98 6.31
CA LEU C 190 -16.33 -29.60 7.32
C LEU C 190 -15.71 -29.69 8.72
N LYS C 191 -14.42 -30.03 8.82
CA LYS C 191 -13.78 -30.22 10.13
C LYS C 191 -12.53 -29.39 10.41
N GLY C 192 -12.25 -28.40 9.57
CA GLY C 192 -11.03 -27.60 9.74
C GLY C 192 -9.80 -28.41 9.37
N GLY C 193 -8.64 -27.82 9.56
CA GLY C 193 -7.38 -28.49 9.24
C GLY C 193 -6.71 -29.18 10.40
N TYR C 194 -7.40 -29.30 11.54
CA TYR C 194 -6.83 -29.91 12.74
C TYR C 194 -7.92 -30.50 13.66
N ASN C 195 -7.51 -31.18 14.74
CA ASN C 195 -8.45 -31.77 15.68
C ASN C 195 -8.17 -31.33 17.16
N GLU C 196 -8.82 -31.98 18.15
CA GLU C 196 -8.73 -31.69 19.58
C GLU C 196 -7.33 -31.85 20.18
N LEU C 197 -6.43 -32.55 19.48
CA LEU C 197 -5.07 -32.74 19.96
C LEU C 197 -4.26 -31.43 20.01
N CYS C 198 -4.76 -30.35 19.36
CA CYS C 198 -4.14 -29.04 19.45
C CYS C 198 -4.14 -28.53 20.92
N ASP C 199 -5.14 -28.94 21.73
CA ASP C 199 -5.29 -28.60 23.15
C ASP C 199 -4.19 -29.23 24.01
N ILE C 200 -3.71 -30.44 23.63
CA ILE C 200 -2.63 -31.15 24.32
C ILE C 200 -1.34 -30.38 24.11
N TRP C 201 -1.11 -29.87 22.87
CA TRP C 201 0.07 -29.06 22.58
C TRP C 201 0.02 -27.77 23.43
N SER C 202 -1.11 -27.05 23.42
CA SER C 202 -1.27 -25.81 24.19
C SER C 202 -1.02 -26.04 25.70
N LEU C 203 -1.42 -27.20 26.22
CA LEU C 203 -1.17 -27.52 27.62
C LEU C 203 0.34 -27.65 27.90
N GLY C 204 1.07 -28.22 26.96
CA GLY C 204 2.52 -28.33 27.03
C GLY C 204 3.17 -26.97 27.09
N ILE C 205 2.73 -26.05 26.21
CA ILE C 205 3.23 -24.69 26.21
C ILE C 205 2.89 -23.99 27.54
N THR C 206 1.66 -24.22 28.06
CA THR C 206 1.19 -23.66 29.31
C THR C 206 2.03 -24.13 30.49
N ALA C 207 2.44 -25.41 30.50
CA ALA C 207 3.30 -25.92 31.57
C ALA C 207 4.66 -25.18 31.55
N ILE C 208 5.22 -24.91 30.34
CA ILE C 208 6.45 -24.14 30.21
C ILE C 208 6.19 -22.68 30.69
N GLU C 209 5.05 -22.09 30.34
CA GLU C 209 4.68 -20.74 30.76
C GLU C 209 4.59 -20.65 32.30
N LEU C 210 4.01 -21.64 32.95
CA LEU C 210 3.92 -21.65 34.41
C LEU C 210 5.32 -21.76 35.05
N ALA C 211 6.22 -22.47 34.39
CA ALA C 211 7.59 -22.71 34.83
C ALA C 211 8.50 -21.53 34.56
N GLU C 212 8.27 -20.80 33.47
CA GLU C 212 9.20 -19.75 33.05
C GLU C 212 8.63 -18.34 32.97
N LEU C 213 7.35 -18.17 33.27
CA LEU C 213 6.61 -16.90 33.25
C LEU C 213 6.28 -16.37 31.85
N GLN C 214 6.67 -17.09 30.81
CA GLN C 214 6.38 -16.72 29.43
C GLN C 214 6.35 -18.02 28.60
N PRO C 215 5.53 -18.05 27.54
CA PRO C 215 5.60 -19.20 26.62
C PRO C 215 6.91 -19.10 25.79
N PRO C 216 7.39 -20.21 25.20
CA PRO C 216 8.60 -20.12 24.36
C PRO C 216 8.38 -19.20 23.16
N LEU C 217 9.43 -18.51 22.75
CA LEU C 217 9.37 -17.57 21.62
C LEU C 217 8.56 -16.30 21.89
N PHE C 218 8.24 -15.99 23.17
CA PHE C 218 7.48 -14.79 23.55
C PHE C 218 8.10 -13.49 23.06
N ASP C 219 9.42 -13.48 22.88
CA ASP C 219 10.12 -12.25 22.43
C ASP C 219 10.27 -12.28 20.91
N VAL C 220 9.71 -13.30 20.25
CA VAL C 220 9.80 -13.42 18.76
C VAL C 220 8.52 -12.87 18.15
N HIS C 221 8.62 -12.17 17.02
CA HIS C 221 7.43 -11.56 16.37
C HIS C 221 6.35 -12.64 16.17
N PRO C 222 5.09 -12.37 16.55
CA PRO C 222 4.01 -13.36 16.44
C PRO C 222 3.91 -13.93 15.02
N LEU C 223 3.91 -13.06 14.01
CA LEU C 223 3.82 -13.52 12.59
C LEU C 223 5.05 -14.37 12.27
N ARG C 224 6.23 -13.93 12.71
CA ARG C 224 7.46 -14.74 12.50
C ARG C 224 7.28 -16.08 13.21
N VAL C 225 6.72 -16.07 14.43
CA VAL C 225 6.47 -17.33 15.13
C VAL C 225 5.57 -18.23 14.29
N LEU C 226 4.49 -17.67 13.70
CA LEU C 226 3.56 -18.40 12.82
C LEU C 226 4.32 -19.03 11.65
N PHE C 227 5.23 -18.27 11.02
CA PHE C 227 6.03 -18.75 9.90
C PHE C 227 7.02 -19.83 10.33
N LEU C 228 7.68 -19.65 11.49
CA LEU C 228 8.64 -20.63 12.00
C LEU C 228 8.00 -22.02 12.22
N MET C 229 6.75 -22.05 12.75
CA MET C 229 6.03 -23.28 13.06
C MET C 229 5.48 -24.00 11.85
N THR C 230 5.32 -23.32 10.72
CA THR C 230 4.80 -23.91 9.47
C THR C 230 5.89 -24.71 8.74
N LYS C 231 7.16 -24.28 8.89
CA LYS C 231 8.34 -24.88 8.29
C LYS C 231 8.50 -26.35 8.68
N SER C 232 9.00 -27.17 7.74
CA SER C 232 9.21 -28.59 7.97
C SER C 232 10.31 -28.88 9.01
N GLY C 233 11.21 -27.94 9.24
CA GLY C 233 12.29 -28.09 10.22
C GLY C 233 11.97 -27.57 11.61
N TYR C 234 10.70 -27.24 11.89
CA TYR C 234 10.32 -26.74 13.21
C TYR C 234 10.57 -27.73 14.32
N GLN C 235 11.34 -27.33 15.34
CA GLN C 235 11.56 -28.21 16.48
C GLN C 235 10.72 -27.76 17.67
N PRO C 236 9.90 -28.66 18.27
CA PRO C 236 9.03 -28.28 19.39
C PRO C 236 9.82 -27.65 20.55
N PRO C 237 9.24 -26.68 21.29
CA PRO C 237 9.96 -26.00 22.38
C PRO C 237 10.32 -26.94 23.54
N ARG C 238 11.34 -26.57 24.33
CA ARG C 238 11.77 -27.40 25.48
C ARG C 238 12.04 -26.49 26.69
N LEU C 239 12.11 -27.06 27.89
CA LEU C 239 12.37 -26.26 29.12
C LEU C 239 13.79 -25.67 29.05
N LYS C 240 13.96 -24.43 29.49
CA LYS C 240 15.26 -23.77 29.45
C LYS C 240 16.29 -24.45 30.37
N GLU C 241 16.02 -24.48 31.69
CA GLU C 241 16.96 -25.01 32.67
C GLU C 241 16.67 -26.47 32.94
N LYS C 242 17.42 -27.36 32.27
CA LYS C 242 17.25 -28.81 32.39
C LYS C 242 17.38 -29.31 33.83
N GLY C 243 18.39 -28.85 34.55
CA GLY C 243 18.65 -29.29 35.91
C GLY C 243 17.65 -28.83 36.95
N LYS C 244 16.78 -27.88 36.59
CA LYS C 244 15.77 -27.37 37.53
C LYS C 244 14.55 -28.32 37.65
N TRP C 245 14.31 -29.15 36.62
CA TRP C 245 13.13 -30.01 36.56
C TRP C 245 13.44 -31.49 36.45
N SER C 246 12.54 -32.32 36.95
CA SER C 246 12.72 -33.77 36.90
C SER C 246 12.65 -34.31 35.47
N ALA C 247 13.19 -35.51 35.23
CA ALA C 247 13.09 -36.14 33.92
C ALA C 247 11.61 -36.41 33.55
N ALA C 248 10.72 -36.57 34.55
CA ALA C 248 9.30 -36.78 34.30
C ALA C 248 8.66 -35.52 33.69
N PHE C 249 9.03 -34.33 34.19
CA PHE C 249 8.51 -33.06 33.67
C PHE C 249 9.04 -32.86 32.23
N HIS C 250 10.33 -33.15 31.99
CA HIS C 250 10.89 -33.05 30.65
C HIS C 250 10.20 -34.00 29.69
N ASN C 251 9.88 -35.21 30.12
CA ASN C 251 9.17 -36.18 29.28
C ASN C 251 7.73 -35.72 29.01
N PHE C 252 7.07 -35.13 30.02
CA PHE C 252 5.70 -34.63 29.86
C PHE C 252 5.67 -33.54 28.76
N ILE C 253 6.65 -32.64 28.77
CA ILE C 253 6.79 -31.59 27.77
C ILE C 253 7.06 -32.22 26.41
N LYS C 254 7.98 -33.19 26.36
CA LYS C 254 8.30 -33.89 25.14
C LYS C 254 7.07 -34.52 24.46
N VAL C 255 6.26 -35.31 25.21
CA VAL C 255 5.13 -35.99 24.58
C VAL C 255 3.94 -35.06 24.29
N THR C 256 3.66 -34.05 25.16
CA THR C 256 2.57 -33.11 24.85
C THR C 256 2.96 -32.27 23.63
N LEU C 257 4.25 -31.93 23.47
CA LEU C 257 4.70 -31.16 22.34
C LEU C 257 5.17 -32.04 21.17
N THR C 258 4.47 -33.16 20.93
CA THR C 258 4.78 -34.02 19.79
C THR C 258 4.35 -33.27 18.55
N LYS C 259 5.28 -32.98 17.64
CA LYS C 259 5.00 -32.18 16.45
C LYS C 259 3.88 -32.73 15.61
N SER C 260 3.93 -34.04 15.33
CA SER C 260 2.86 -34.70 14.55
C SER C 260 1.65 -34.95 15.45
N PRO C 261 0.47 -34.36 15.14
CA PRO C 261 -0.74 -34.58 15.93
C PRO C 261 -1.10 -36.07 15.90
N LYS C 262 -0.75 -36.75 14.80
CA LYS C 262 -1.02 -38.21 14.67
C LYS C 262 -0.31 -38.95 15.81
N LYS C 263 0.87 -38.48 16.22
CA LYS C 263 1.66 -39.16 17.27
C LYS C 263 1.39 -38.51 18.64
N ARG C 264 0.68 -37.38 18.65
CA ARG C 264 0.44 -36.66 19.94
C ARG C 264 -0.60 -37.44 20.77
N PRO C 265 -0.34 -37.69 22.06
CA PRO C 265 -1.26 -38.46 22.91
C PRO C 265 -2.56 -37.72 23.27
N SER C 266 -3.64 -38.48 23.55
CA SER C 266 -4.92 -37.89 23.92
C SER C 266 -4.87 -37.42 25.39
N ALA C 267 -5.89 -36.70 25.86
CA ALA C 267 -5.94 -36.26 27.25
C ALA C 267 -6.04 -37.43 28.21
N THR C 268 -6.86 -38.46 27.88
CA THR C 268 -6.99 -39.62 28.76
C THR C 268 -5.69 -40.39 28.85
N LYS C 269 -4.97 -40.51 27.72
CA LYS C 269 -3.67 -41.19 27.73
C LYS C 269 -2.68 -40.40 28.59
N MET C 270 -2.67 -39.05 28.44
CA MET C 270 -1.82 -38.17 29.23
C MET C 270 -2.12 -38.23 30.73
N LEU C 271 -3.37 -38.58 31.12
CA LEU C 271 -3.75 -38.69 32.53
C LEU C 271 -3.05 -39.84 33.28
N SER C 272 -2.50 -40.81 32.54
CA SER C 272 -1.72 -41.88 33.15
C SER C 272 -0.22 -41.63 33.09
N HIS C 273 0.22 -40.44 32.63
CA HIS C 273 1.65 -40.10 32.61
C HIS C 273 2.12 -39.90 34.05
N GLN C 274 3.34 -40.39 34.34
CA GLN C 274 3.94 -40.33 35.68
C GLN C 274 3.82 -38.96 36.37
N LEU C 275 3.98 -37.85 35.61
CA LEU C 275 3.97 -36.50 36.18
C LEU C 275 2.63 -36.11 36.81
N VAL C 276 1.54 -36.43 36.13
CA VAL C 276 0.21 -36.06 36.61
C VAL C 276 -0.50 -37.16 37.39
N SER C 277 0.05 -38.38 37.43
CA SER C 277 -0.57 -39.46 38.20
C SER C 277 0.07 -39.64 39.60
N GLN C 278 0.92 -38.69 40.06
CA GLN C 278 1.50 -38.73 41.40
C GLN C 278 0.38 -38.63 42.45
N PRO C 279 0.43 -39.42 43.53
CA PRO C 279 -0.68 -39.40 44.50
C PRO C 279 -0.78 -38.19 45.43
N GLY C 280 0.28 -37.38 45.53
CA GLY C 280 0.28 -36.23 46.43
C GLY C 280 -0.14 -34.91 45.78
N LEU C 281 -0.84 -34.96 44.63
CA LEU C 281 -1.28 -33.74 43.96
C LEU C 281 -2.69 -33.39 44.41
N ASN C 282 -2.85 -32.22 45.00
CA ASN C 282 -4.15 -31.73 45.47
C ASN C 282 -4.16 -30.20 45.58
N ARG C 283 -5.33 -29.57 45.83
CA ARG C 283 -5.41 -28.12 45.90
C ARG C 283 -4.61 -27.47 47.02
N GLY C 284 -4.07 -28.26 47.96
CA GLY C 284 -3.20 -27.73 49.00
C GLY C 284 -1.95 -27.10 48.41
N LEU C 285 -1.47 -27.64 47.28
CA LEU C 285 -0.32 -27.11 46.53
C LEU C 285 -0.64 -25.68 46.05
N ILE C 286 -1.88 -25.43 45.61
CA ILE C 286 -2.28 -24.12 45.14
C ILE C 286 -2.59 -23.18 46.31
N LEU C 287 -3.17 -23.69 47.41
CA LEU C 287 -3.37 -22.87 48.62
C LEU C 287 -2.02 -22.31 49.13
N ASP C 288 -0.92 -23.10 48.97
CA ASP C 288 0.42 -22.65 49.32
C ASP C 288 0.84 -21.48 48.41
N LEU C 289 0.54 -21.58 47.10
CA LEU C 289 0.84 -20.55 46.12
C LEU C 289 0.05 -19.28 46.43
N LEU C 290 -1.22 -19.43 46.84
CA LEU C 290 -2.06 -18.30 47.20
C LEU C 290 -1.61 -17.59 48.47
N ASP C 291 -1.00 -18.31 49.43
CA ASP C 291 -0.45 -17.70 50.64
C ASP C 291 0.73 -16.78 50.29
N LYS C 292 1.53 -17.16 49.26
CA LYS C 292 2.69 -16.43 48.77
C LYS C 292 2.30 -15.09 48.09
N LEU C 293 1.10 -15.01 47.49
CA LEU C 293 0.61 -13.84 46.78
C LEU C 293 0.03 -12.71 47.67
N LYS C 294 -0.71 -13.08 48.74
CA LYS C 294 -1.40 -12.17 49.66
C LYS C 294 -0.52 -11.16 50.41
N ASN C 295 0.76 -11.46 50.64
CA ASN C 295 1.64 -10.55 51.38
C ASN C 295 1.84 -9.21 50.65
N VAL D 6 -9.06 -0.03 -2.07
CA VAL D 6 -8.99 0.73 -3.32
C VAL D 6 -7.93 0.18 -4.27
N ASP D 7 -8.14 0.35 -5.58
CA ASP D 7 -7.20 -0.05 -6.64
C ASP D 7 -6.52 1.21 -7.17
N PRO D 8 -5.19 1.20 -7.40
CA PRO D 8 -4.52 2.43 -7.83
C PRO D 8 -4.86 2.88 -9.26
N ASP D 9 -5.12 1.92 -10.17
CA ASP D 9 -5.44 2.23 -11.56
C ASP D 9 -6.94 2.30 -11.86
N ILE D 10 -7.80 2.43 -10.83
CA ILE D 10 -9.24 2.48 -11.05
C ILE D 10 -9.69 3.76 -11.74
N PHE D 11 -10.54 3.63 -12.76
CA PHE D 11 -11.06 4.79 -13.49
C PHE D 11 -12.29 5.33 -12.78
N ASN D 12 -12.17 6.50 -12.13
CA ASN D 12 -13.29 7.11 -11.42
C ASN D 12 -14.15 7.87 -12.40
N ARG D 13 -14.89 7.13 -13.23
CA ARG D 13 -15.77 7.62 -14.27
C ARG D 13 -16.95 6.66 -14.44
N ASP D 14 -18.06 7.15 -15.00
CA ASP D 14 -19.21 6.29 -15.26
C ASP D 14 -18.83 5.45 -16.48
N PRO D 15 -18.96 4.11 -16.41
CA PRO D 15 -18.59 3.28 -17.57
C PRO D 15 -19.43 3.58 -18.82
N ARG D 16 -20.63 4.16 -18.66
CA ARG D 16 -21.49 4.54 -19.78
C ARG D 16 -20.92 5.71 -20.61
N ASP D 17 -19.87 6.38 -20.13
CA ASP D 17 -19.17 7.41 -20.88
C ASP D 17 -18.45 6.72 -22.09
N HIS D 18 -17.91 5.49 -21.88
CA HIS D 18 -17.16 4.75 -22.89
C HIS D 18 -17.90 3.53 -23.45
N TYR D 19 -18.98 3.08 -22.80
CA TYR D 19 -19.70 1.90 -23.26
C TYR D 19 -21.22 2.00 -23.31
N ASP D 20 -21.84 1.28 -24.25
CA ASP D 20 -23.29 1.17 -24.34
C ASP D 20 -23.65 -0.20 -23.79
N LEU D 21 -24.48 -0.26 -22.74
CA LEU D 21 -24.89 -1.55 -22.19
C LEU D 21 -25.93 -2.14 -23.13
N LEU D 22 -25.65 -3.35 -23.63
CA LEU D 22 -26.52 -4.02 -24.59
C LEU D 22 -27.46 -5.06 -23.98
N GLN D 23 -26.99 -5.84 -22.98
CA GLN D 23 -27.80 -6.90 -22.37
C GLN D 23 -27.22 -7.45 -21.06
N ARG D 24 -28.09 -7.83 -20.12
CA ARG D 24 -27.73 -8.44 -18.84
C ARG D 24 -27.61 -9.97 -19.08
N LEU D 25 -26.38 -10.51 -19.10
CA LEU D 25 -26.10 -11.91 -19.42
C LEU D 25 -26.32 -12.91 -18.28
N GLY D 26 -26.06 -12.49 -17.06
CA GLY D 26 -26.19 -13.36 -15.90
C GLY D 26 -25.15 -13.10 -14.84
N GLY D 27 -25.17 -13.86 -13.74
CA GLY D 27 -24.22 -13.63 -12.66
C GLY D 27 -23.04 -14.58 -12.62
N GLY D 28 -22.12 -14.27 -11.73
CA GLY D 28 -20.98 -15.14 -11.45
C GLY D 28 -21.03 -15.55 -9.99
N THR D 29 -19.86 -15.78 -9.35
CA THR D 29 -19.77 -16.06 -7.90
C THR D 29 -20.44 -14.91 -7.12
N TYR D 30 -20.21 -13.68 -7.59
CA TYR D 30 -20.84 -12.44 -7.18
C TYR D 30 -20.86 -11.49 -8.40
N GLY D 31 -21.73 -10.50 -8.38
CA GLY D 31 -21.84 -9.54 -9.49
C GLY D 31 -22.69 -10.01 -10.64
N GLU D 32 -23.00 -9.10 -11.58
CA GLU D 32 -23.81 -9.37 -12.76
C GLU D 32 -22.99 -8.97 -13.97
N VAL D 33 -22.92 -9.83 -14.97
CA VAL D 33 -22.16 -9.58 -16.18
C VAL D 33 -23.06 -9.03 -17.29
N PHE D 34 -22.61 -7.96 -17.94
CA PHE D 34 -23.34 -7.32 -19.04
C PHE D 34 -22.52 -7.34 -20.29
N LYS D 35 -23.20 -7.46 -21.43
CA LYS D 35 -22.58 -7.35 -22.74
C LYS D 35 -22.58 -5.85 -23.03
N ALA D 36 -21.42 -5.26 -23.35
CA ALA D 36 -21.34 -3.83 -23.62
C ALA D 36 -20.58 -3.53 -24.91
N ARG D 37 -20.81 -2.37 -25.52
CA ARG D 37 -20.12 -2.00 -26.76
C ARG D 37 -19.33 -0.72 -26.59
N ASP D 38 -18.06 -0.74 -26.98
CA ASP D 38 -17.18 0.42 -26.92
C ASP D 38 -17.72 1.48 -27.89
N LYS D 39 -17.99 2.70 -27.39
CA LYS D 39 -18.55 3.77 -28.20
C LYS D 39 -17.64 4.26 -29.32
N VAL D 40 -16.32 4.15 -29.13
CA VAL D 40 -15.37 4.61 -30.16
C VAL D 40 -15.09 3.55 -31.23
N SER D 41 -14.73 2.32 -30.83
CA SER D 41 -14.35 1.28 -31.77
C SER D 41 -15.45 0.29 -32.15
N GLY D 42 -16.54 0.26 -31.41
CA GLY D 42 -17.59 -0.72 -31.65
C GLY D 42 -17.26 -2.11 -31.14
N ASP D 43 -16.10 -2.26 -30.46
CA ASP D 43 -15.65 -3.55 -29.90
C ASP D 43 -16.51 -3.96 -28.73
N LEU D 44 -16.90 -5.23 -28.65
CA LEU D 44 -17.70 -5.72 -27.54
C LEU D 44 -16.81 -6.06 -26.36
N VAL D 45 -17.28 -5.76 -25.14
CA VAL D 45 -16.61 -6.11 -23.89
C VAL D 45 -17.64 -6.74 -22.92
N ALA D 46 -17.15 -7.41 -21.87
CA ALA D 46 -17.97 -7.93 -20.80
C ALA D 46 -17.74 -7.00 -19.62
N LEU D 47 -18.81 -6.50 -19.00
CA LEU D 47 -18.69 -5.63 -17.84
C LEU D 47 -19.32 -6.34 -16.65
N LYS D 48 -18.53 -6.65 -15.62
CA LYS D 48 -19.08 -7.29 -14.44
C LYS D 48 -19.34 -6.24 -13.38
N MET D 49 -20.63 -6.06 -13.07
CA MET D 49 -21.04 -5.02 -12.09
C MET D 49 -21.24 -5.64 -10.72
N VAL D 50 -20.64 -5.05 -9.68
CA VAL D 50 -20.76 -5.49 -8.31
C VAL D 50 -21.20 -4.30 -7.47
N LYS D 51 -22.28 -4.42 -6.70
CA LYS D 51 -22.77 -3.28 -5.92
C LYS D 51 -21.96 -3.07 -4.62
N MET D 52 -22.03 -1.84 -4.09
CA MET D 52 -21.27 -1.50 -2.87
C MET D 52 -22.11 -0.57 -1.98
N ASP D 57 -17.15 -5.70 2.60
CA ASP D 57 -15.69 -5.72 2.57
C ASP D 57 -15.17 -5.30 1.18
N VAL D 58 -14.03 -4.61 1.16
CA VAL D 58 -13.41 -4.13 -0.08
C VAL D 58 -12.20 -4.99 -0.53
N SER D 59 -11.74 -5.92 0.30
CA SER D 59 -10.57 -6.73 0.02
C SER D 59 -10.80 -7.82 -0.99
N THR D 60 -12.01 -8.38 -1.04
CA THR D 60 -12.33 -9.46 -2.01
C THR D 60 -12.18 -8.91 -3.44
N LEU D 61 -12.91 -7.85 -3.77
CA LEU D 61 -12.83 -7.24 -5.12
C LEU D 61 -11.39 -6.80 -5.40
N GLN D 62 -10.73 -6.22 -4.40
CA GLN D 62 -9.33 -5.74 -4.56
C GLN D 62 -8.46 -6.91 -5.02
N LYS D 63 -8.57 -8.06 -4.34
CA LYS D 63 -7.78 -9.26 -4.73
C LYS D 63 -8.19 -9.67 -6.14
N GLU D 64 -9.50 -9.68 -6.44
CA GLU D 64 -9.95 -10.14 -7.75
C GLU D 64 -9.35 -9.32 -8.86
N ILE D 65 -9.34 -7.98 -8.67
CA ILE D 65 -8.78 -7.04 -9.65
C ILE D 65 -7.26 -7.22 -9.77
N LEU D 66 -6.58 -7.50 -8.67
CA LEU D 66 -5.15 -7.76 -8.68
C LEU D 66 -4.84 -9.07 -9.44
N ILE D 67 -5.65 -10.11 -9.23
CA ILE D 67 -5.47 -11.39 -9.94
C ILE D 67 -5.62 -11.19 -11.46
N LEU D 68 -6.69 -10.51 -11.88
CA LEU D 68 -6.95 -10.28 -13.31
C LEU D 68 -5.90 -9.36 -13.95
N LYS D 69 -5.49 -8.30 -13.24
CA LYS D 69 -4.53 -7.29 -13.69
C LYS D 69 -3.14 -7.88 -13.90
N THR D 70 -2.73 -8.82 -13.05
CA THR D 70 -1.39 -9.40 -13.15
C THR D 70 -1.34 -10.67 -14.05
N CYS D 71 -2.43 -10.98 -14.78
CA CYS D 71 -2.47 -12.11 -15.70
C CYS D 71 -2.29 -11.57 -17.12
N ARG D 72 -1.34 -12.13 -17.90
CA ARG D 72 -1.14 -11.72 -19.30
C ARG D 72 -0.96 -12.98 -20.17
N HIS D 73 -1.98 -13.87 -20.16
CA HIS D 73 -1.94 -15.16 -20.87
C HIS D 73 -3.20 -15.32 -21.71
N ALA D 74 -3.06 -15.94 -22.89
CA ALA D 74 -4.18 -16.11 -23.81
C ALA D 74 -5.35 -16.93 -23.25
N ASN D 75 -5.07 -17.91 -22.40
CA ASN D 75 -6.14 -18.75 -21.84
C ASN D 75 -6.81 -18.17 -20.58
N ILE D 76 -6.53 -16.92 -20.23
CA ILE D 76 -7.17 -16.25 -19.10
C ILE D 76 -7.85 -15.00 -19.65
N VAL D 77 -9.15 -14.74 -19.33
CA VAL D 77 -9.87 -13.56 -19.85
C VAL D 77 -9.08 -12.27 -19.70
N ALA D 78 -8.93 -11.54 -20.80
CA ALA D 78 -8.20 -10.29 -20.80
C ALA D 78 -8.90 -9.27 -19.91
N TYR D 79 -8.11 -8.49 -19.17
CA TYR D 79 -8.58 -7.45 -18.26
C TYR D 79 -8.31 -6.06 -18.88
N HIS D 80 -9.36 -5.22 -18.95
CA HIS D 80 -9.22 -3.90 -19.54
C HIS D 80 -9.30 -2.73 -18.57
N GLY D 81 -9.57 -3.00 -17.29
CA GLY D 81 -9.70 -1.93 -16.31
C GLY D 81 -11.02 -1.95 -15.56
N SER D 82 -11.12 -1.08 -14.53
CA SER D 82 -12.31 -1.01 -13.68
C SER D 82 -12.86 0.40 -13.49
N TYR D 83 -14.16 0.52 -13.23
CA TYR D 83 -14.82 1.81 -13.06
C TYR D 83 -15.62 1.84 -11.78
N LEU D 84 -15.60 2.95 -11.05
CA LEU D 84 -16.37 3.08 -9.80
C LEU D 84 -17.33 4.27 -9.89
N TRP D 85 -18.64 4.01 -10.02
CA TRP D 85 -19.62 5.08 -10.13
C TRP D 85 -20.97 4.70 -9.53
N LEU D 86 -21.53 5.59 -8.68
CA LEU D 86 -22.80 5.39 -7.98
C LEU D 86 -22.81 4.12 -7.15
N GLN D 87 -21.73 3.91 -6.40
CA GLN D 87 -21.55 2.77 -5.51
C GLN D 87 -21.70 1.42 -6.24
N LYS D 88 -21.09 1.31 -7.44
CA LYS D 88 -21.10 0.10 -8.27
C LYS D 88 -19.77 -0.04 -9.00
N LEU D 89 -19.04 -1.11 -8.73
CA LEU D 89 -17.75 -1.37 -9.37
C LEU D 89 -17.99 -2.15 -10.64
N TRP D 90 -17.40 -1.73 -11.75
CA TRP D 90 -17.56 -2.40 -13.03
C TRP D 90 -16.20 -2.91 -13.47
N ILE D 91 -16.05 -4.22 -13.60
CA ILE D 91 -14.80 -4.81 -14.04
C ILE D 91 -14.93 -5.10 -15.52
N CYS D 92 -14.11 -4.44 -16.34
CA CYS D 92 -14.16 -4.60 -17.78
C CYS D 92 -13.22 -5.69 -18.26
N MET D 93 -13.78 -6.69 -18.91
CA MET D 93 -13.04 -7.83 -19.40
C MET D 93 -13.41 -8.18 -20.83
N GLU D 94 -12.62 -9.05 -21.42
CA GLU D 94 -12.78 -9.57 -22.76
C GLU D 94 -14.16 -10.25 -22.92
N PHE D 95 -14.90 -9.95 -23.99
CA PHE D 95 -16.21 -10.56 -24.23
C PHE D 95 -16.02 -11.88 -24.97
N CYS D 96 -16.78 -12.91 -24.56
CA CYS D 96 -16.70 -14.25 -25.16
C CYS D 96 -18.05 -14.59 -25.74
N GLY D 97 -18.18 -14.35 -27.05
CA GLY D 97 -19.38 -14.50 -27.86
C GLY D 97 -20.22 -15.75 -27.73
N ALA D 98 -19.60 -16.91 -27.48
CA ALA D 98 -20.37 -18.15 -27.29
C ALA D 98 -20.73 -18.45 -25.82
N GLY D 99 -20.27 -17.59 -24.90
CA GLY D 99 -20.49 -17.74 -23.46
C GLY D 99 -19.66 -18.86 -22.90
N SER D 100 -20.12 -19.49 -21.81
CA SER D 100 -19.41 -20.60 -21.21
C SER D 100 -19.73 -21.95 -21.88
N LEU D 101 -18.97 -23.01 -21.50
CA LEU D 101 -19.22 -24.38 -21.98
C LEU D 101 -20.59 -24.90 -21.49
N GLN D 102 -21.05 -24.46 -20.32
CA GLN D 102 -22.40 -24.87 -19.87
C GLN D 102 -23.45 -24.32 -20.85
N ASP D 103 -23.37 -23.03 -21.19
CA ASP D 103 -24.29 -22.39 -22.13
C ASP D 103 -24.36 -23.17 -23.44
N ILE D 104 -23.27 -23.78 -23.83
CA ILE D 104 -23.17 -24.54 -25.05
C ILE D 104 -23.73 -25.96 -24.92
N TYR D 105 -23.23 -26.80 -23.97
CA TYR D 105 -23.71 -28.19 -23.88
C TYR D 105 -25.17 -28.29 -23.47
N GLN D 106 -25.73 -27.25 -22.82
CA GLN D 106 -27.15 -27.26 -22.45
C GLN D 106 -28.08 -27.29 -23.70
N VAL D 107 -27.55 -26.88 -24.84
CA VAL D 107 -28.34 -26.89 -26.11
C VAL D 107 -27.76 -27.95 -27.05
N THR D 108 -26.43 -28.04 -27.16
CA THR D 108 -25.80 -28.97 -28.10
C THR D 108 -25.66 -30.45 -27.66
N GLY D 109 -25.71 -30.73 -26.35
CA GLY D 109 -25.53 -32.09 -25.86
C GLY D 109 -24.09 -32.38 -25.46
N SER D 110 -23.73 -33.67 -25.24
CA SER D 110 -22.38 -34.08 -24.85
C SER D 110 -21.32 -33.64 -25.83
N LEU D 111 -20.16 -33.25 -25.33
CA LEU D 111 -19.05 -32.90 -26.20
C LEU D 111 -18.37 -34.19 -26.62
N SER D 112 -17.74 -34.17 -27.80
CA SER D 112 -16.99 -35.33 -28.27
C SER D 112 -15.67 -35.42 -27.48
N GLU D 113 -15.01 -36.58 -27.52
CA GLU D 113 -13.73 -36.75 -26.78
C GLU D 113 -12.71 -35.72 -27.26
N LEU D 114 -12.62 -35.51 -28.58
CA LEU D 114 -11.64 -34.58 -29.16
C LEU D 114 -11.91 -33.15 -28.69
N GLN D 115 -13.18 -32.74 -28.66
CA GLN D 115 -13.52 -31.39 -28.19
C GLN D 115 -13.14 -31.20 -26.73
N ILE D 116 -13.39 -32.22 -25.89
CA ILE D 116 -13.03 -32.23 -24.46
C ILE D 116 -11.49 -32.19 -24.31
N SER D 117 -10.77 -32.92 -25.17
CA SER D 117 -9.32 -32.99 -25.14
C SER D 117 -8.70 -31.61 -25.36
N TYR D 118 -9.23 -30.85 -26.35
CA TYR D 118 -8.79 -29.49 -26.68
C TYR D 118 -9.09 -28.55 -25.50
N VAL D 119 -10.32 -28.58 -24.95
CA VAL D 119 -10.70 -27.76 -23.81
C VAL D 119 -9.76 -28.04 -22.63
N CYS D 120 -9.52 -29.33 -22.31
CA CYS D 120 -8.62 -29.70 -21.23
C CYS D 120 -7.22 -29.20 -21.45
N ARG D 121 -6.72 -29.24 -22.71
CA ARG D 121 -5.38 -28.72 -23.03
C ARG D 121 -5.32 -27.23 -22.77
N GLU D 122 -6.32 -26.47 -23.24
CA GLU D 122 -6.38 -25.01 -23.07
C GLU D 122 -6.50 -24.61 -21.59
N VAL D 123 -7.34 -25.33 -20.83
CA VAL D 123 -7.49 -25.07 -19.40
C VAL D 123 -6.18 -25.36 -18.67
N LEU D 124 -5.51 -26.46 -19.01
CA LEU D 124 -4.22 -26.82 -18.40
C LEU D 124 -3.13 -25.76 -18.70
N GLN D 125 -3.17 -25.16 -19.89
CA GLN D 125 -2.22 -24.08 -20.24
C GLN D 125 -2.47 -22.85 -19.36
N GLY D 126 -3.74 -22.52 -19.16
CA GLY D 126 -4.12 -21.44 -18.27
C GLY D 126 -3.76 -21.70 -16.83
N LEU D 127 -3.98 -22.95 -16.36
CA LEU D 127 -3.66 -23.40 -15.00
C LEU D 127 -2.15 -23.41 -14.77
N ALA D 128 -1.36 -23.89 -15.73
CA ALA D 128 0.12 -23.90 -15.61
C ALA D 128 0.65 -22.48 -15.42
N TYR D 129 0.06 -21.51 -16.14
CA TYR D 129 0.43 -20.10 -16.02
C TYR D 129 0.04 -19.54 -14.66
N LEU D 130 -1.21 -19.81 -14.18
CA LEU D 130 -1.71 -19.33 -12.89
C LEU D 130 -0.87 -19.87 -11.76
N HIS D 131 -0.58 -21.16 -11.78
CA HIS D 131 0.23 -21.82 -10.75
C HIS D 131 1.66 -21.33 -10.77
N SER D 132 2.19 -20.94 -11.95
CA SER D 132 3.53 -20.37 -12.06
C SER D 132 3.62 -19.00 -11.36
N GLN D 133 2.48 -18.29 -11.19
CA GLN D 133 2.42 -17.00 -10.48
C GLN D 133 1.96 -17.17 -9.02
N LYS D 134 1.94 -18.41 -8.49
CA LYS D 134 1.44 -18.77 -7.17
C LYS D 134 -0.06 -18.44 -6.98
N LYS D 135 -0.83 -18.53 -8.06
CA LYS D 135 -2.27 -18.28 -8.01
C LYS D 135 -3.03 -19.61 -8.11
N ILE D 136 -4.19 -19.69 -7.47
CA ILE D 136 -5.03 -20.90 -7.51
C ILE D 136 -6.40 -20.47 -7.98
N HIS D 137 -6.98 -21.14 -8.98
CA HIS D 137 -8.30 -20.79 -9.47
C HIS D 137 -9.40 -21.18 -8.43
N ARG D 138 -9.39 -22.44 -7.96
CA ARG D 138 -10.31 -23.02 -6.96
C ARG D 138 -11.77 -23.15 -7.44
N ASP D 139 -12.08 -22.73 -8.67
CA ASP D 139 -13.45 -22.80 -9.19
C ASP D 139 -13.53 -23.25 -10.64
N ILE D 140 -12.70 -24.24 -10.97
CA ILE D 140 -12.69 -24.78 -12.33
C ILE D 140 -13.95 -25.62 -12.57
N LYS D 141 -14.73 -25.23 -13.57
CA LYS D 141 -15.96 -25.90 -13.98
C LYS D 141 -16.35 -25.35 -15.37
N GLY D 142 -17.25 -26.03 -16.06
CA GLY D 142 -17.73 -25.60 -17.37
C GLY D 142 -18.24 -24.18 -17.42
N ALA D 143 -18.93 -23.74 -16.35
CA ALA D 143 -19.46 -22.37 -16.30
C ALA D 143 -18.37 -21.29 -16.29
N ASN D 144 -17.17 -21.65 -15.81
CA ASN D 144 -16.05 -20.73 -15.72
C ASN D 144 -15.06 -20.85 -16.87
N ILE D 145 -15.37 -21.67 -17.88
CA ILE D 145 -14.53 -21.83 -19.06
C ILE D 145 -15.34 -21.25 -20.20
N LEU D 146 -14.89 -20.09 -20.68
CA LEU D 146 -15.60 -19.36 -21.71
C LEU D 146 -15.04 -19.62 -23.10
N ILE D 147 -15.90 -19.50 -24.11
CA ILE D 147 -15.56 -19.71 -25.50
C ILE D 147 -15.91 -18.48 -26.31
N ASN D 148 -14.93 -17.90 -27.02
CA ASN D 148 -15.24 -16.75 -27.88
C ASN D 148 -15.68 -17.21 -29.29
N ASP D 149 -16.02 -16.26 -30.19
CA ASP D 149 -16.49 -16.57 -31.54
C ASP D 149 -15.47 -17.32 -32.39
N ALA D 150 -14.18 -17.12 -32.10
CA ALA D 150 -13.08 -17.79 -32.78
C ALA D 150 -12.76 -19.19 -32.24
N GLY D 151 -13.62 -19.75 -31.38
CA GLY D 151 -13.39 -21.06 -30.81
C GLY D 151 -12.27 -21.10 -29.77
N GLU D 152 -11.89 -19.94 -29.23
CA GLU D 152 -10.84 -19.89 -28.22
C GLU D 152 -11.39 -20.07 -26.81
N VAL D 153 -10.58 -20.66 -25.94
CA VAL D 153 -10.90 -21.01 -24.53
C VAL D 153 -10.30 -20.03 -23.51
N ARG D 154 -11.13 -19.48 -22.61
CA ARG D 154 -10.66 -18.54 -21.59
C ARG D 154 -11.16 -18.89 -20.21
N LEU D 155 -10.28 -18.96 -19.20
CA LEU D 155 -10.66 -19.17 -17.80
C LEU D 155 -11.19 -17.84 -17.26
N ALA D 156 -12.27 -17.90 -16.52
CA ALA D 156 -12.88 -16.70 -15.97
C ALA D 156 -13.37 -16.94 -14.52
N ASP D 157 -13.77 -15.86 -13.82
CA ASP D 157 -14.31 -15.85 -12.49
C ASP D 157 -13.34 -16.27 -11.45
N PHE D 158 -12.54 -15.32 -11.03
CA PHE D 158 -11.62 -15.52 -9.92
C PHE D 158 -12.26 -15.10 -8.60
N GLY D 159 -13.59 -15.03 -8.53
CA GLY D 159 -14.33 -14.64 -7.34
C GLY D 159 -14.03 -15.54 -6.15
N ILE D 160 -14.03 -16.87 -6.37
CA ILE D 160 -13.75 -17.83 -5.30
C ILE D 160 -12.29 -17.64 -4.85
N SER D 161 -11.37 -17.56 -5.81
CA SER D 161 -9.95 -17.36 -5.54
C SER D 161 -9.70 -16.08 -4.72
N ALA D 162 -10.42 -15.01 -5.05
CA ALA D 162 -10.33 -13.73 -4.37
C ALA D 162 -10.90 -13.82 -2.97
N GLN D 163 -12.06 -14.49 -2.79
CA GLN D 163 -12.69 -14.67 -1.49
C GLN D 163 -11.78 -15.44 -0.56
N ILE D 164 -11.15 -16.51 -1.04
CA ILE D 164 -10.22 -17.32 -0.26
C ILE D 164 -8.98 -16.54 0.14
N GLY D 165 -8.42 -15.79 -0.79
CA GLY D 165 -7.26 -14.97 -0.52
C GLY D 165 -7.55 -13.84 0.47
N ALA D 166 -8.74 -13.25 0.38
CA ALA D 166 -9.14 -12.18 1.29
C ALA D 166 -9.41 -12.77 2.69
N GLU D 167 -10.07 -13.93 2.74
CA GLU D 167 -10.40 -14.61 3.98
C GLU D 167 -9.13 -15.01 4.73
N LEU D 168 -8.10 -15.45 4.00
CA LEU D 168 -6.79 -15.86 4.51
C LEU D 168 -6.04 -14.66 5.11
N ALA D 169 -6.19 -13.49 4.49
CA ALA D 169 -5.56 -12.26 4.96
C ALA D 169 -6.29 -11.73 6.19
N ARG D 170 -7.64 -11.81 6.17
CA ARG D 170 -8.45 -11.27 7.30
C ARG D 170 -8.28 -12.17 8.53
N ARG D 171 -8.31 -13.49 8.34
CA ARG D 171 -8.14 -14.44 9.47
C ARG D 171 -6.82 -14.12 10.18
N LEU D 172 -5.74 -13.95 9.41
CA LEU D 172 -4.42 -13.61 10.01
C LEU D 172 -4.56 -12.35 10.86
N GLU D 173 -5.14 -11.28 10.29
CA GLU D 173 -5.26 -10.02 11.02
C GLU D 173 -5.78 -10.21 12.44
N PHE D 174 -6.72 -11.14 12.62
CA PHE D 174 -7.37 -11.38 13.90
C PHE D 174 -7.03 -12.71 14.53
N ILE D 175 -5.81 -13.23 14.28
CA ILE D 175 -5.38 -14.51 14.86
C ILE D 175 -4.84 -14.36 16.31
N GLY D 176 -4.43 -13.14 16.69
CA GLY D 176 -3.90 -12.86 18.02
C GLY D 176 -2.53 -13.47 18.29
N THR D 177 -2.23 -13.75 19.57
CA THR D 177 -0.94 -14.36 19.93
C THR D 177 -0.90 -15.83 19.56
N PRO D 178 0.15 -16.24 18.85
CA PRO D 178 0.22 -17.65 18.43
C PRO D 178 1.14 -18.50 19.27
N TYR D 179 1.69 -17.99 20.38
CA TYR D 179 2.66 -18.70 21.19
C TYR D 179 2.20 -20.02 21.79
N TRP D 180 0.88 -20.19 21.97
CA TRP D 180 0.35 -21.45 22.54
C TRP D 180 -0.32 -22.34 21.47
N MET D 181 -0.31 -21.92 20.21
CA MET D 181 -0.93 -22.66 19.12
C MET D 181 -0.07 -23.84 18.66
N ALA D 182 -0.69 -24.96 18.37
CA ALA D 182 -0.01 -26.12 17.84
C ALA D 182 0.43 -25.83 16.37
N PRO D 183 1.54 -26.45 15.90
CA PRO D 183 2.01 -26.19 14.54
C PRO D 183 0.96 -26.40 13.44
N GLU D 184 0.13 -27.43 13.55
CA GLU D 184 -0.91 -27.69 12.56
C GLU D 184 -1.98 -26.58 12.54
N VAL D 185 -2.22 -25.91 13.69
CA VAL D 185 -3.17 -24.77 13.74
C VAL D 185 -2.52 -23.55 13.08
N ALA D 186 -1.20 -23.33 13.30
CA ALA D 186 -0.49 -22.21 12.69
C ALA D 186 -0.43 -22.40 11.17
N ALA D 187 -0.26 -23.66 10.70
CA ALA D 187 -0.16 -23.97 9.28
C ALA D 187 -1.47 -23.69 8.55
N VAL D 188 -2.62 -24.09 9.13
CA VAL D 188 -3.93 -23.83 8.51
C VAL D 188 -4.22 -22.32 8.49
N ALA D 189 -3.75 -21.57 9.50
CA ALA D 189 -3.95 -20.13 9.55
C ALA D 189 -3.16 -19.40 8.45
N LEU D 190 -1.96 -19.90 8.12
CA LEU D 190 -1.12 -19.26 7.11
C LEU D 190 -1.39 -19.71 5.67
N LYS D 191 -1.57 -21.02 5.45
CA LYS D 191 -1.70 -21.56 4.10
C LYS D 191 -2.96 -22.39 3.83
N GLY D 192 -3.95 -22.33 4.72
CA GLY D 192 -5.15 -23.13 4.56
C GLY D 192 -4.87 -24.61 4.77
N GLY D 193 -5.87 -25.44 4.54
CA GLY D 193 -5.70 -26.88 4.71
C GLY D 193 -5.37 -27.64 3.45
N TYR D 194 -5.09 -26.94 2.36
CA TYR D 194 -4.87 -27.64 1.07
C TYR D 194 -3.87 -26.89 0.19
N ASN D 195 -3.67 -27.35 -1.05
CA ASN D 195 -2.66 -26.71 -1.94
C ASN D 195 -3.31 -26.26 -3.24
N GLU D 196 -2.55 -26.20 -4.34
CA GLU D 196 -3.08 -25.70 -5.63
C GLU D 196 -3.56 -26.85 -6.52
N LEU D 197 -3.05 -28.07 -6.28
CA LEU D 197 -3.43 -29.22 -7.15
C LEU D 197 -4.94 -29.42 -7.14
N CYS D 198 -5.64 -28.81 -6.18
CA CYS D 198 -7.09 -28.90 -6.19
C CYS D 198 -7.71 -28.56 -7.55
N ASP D 199 -7.03 -27.67 -8.34
CA ASP D 199 -7.44 -27.26 -9.70
C ASP D 199 -7.39 -28.41 -10.70
N ILE D 200 -6.44 -29.32 -10.53
CA ILE D 200 -6.26 -30.49 -11.37
C ILE D 200 -7.44 -31.44 -11.13
N TRP D 201 -7.86 -31.61 -9.87
CA TRP D 201 -9.02 -32.44 -9.54
C TRP D 201 -10.27 -31.84 -10.19
N SER D 202 -10.51 -30.54 -10.01
CA SER D 202 -11.66 -29.87 -10.60
C SER D 202 -11.71 -30.02 -12.14
N LEU D 203 -10.53 -30.02 -12.81
CA LEU D 203 -10.47 -30.19 -14.24
C LEU D 203 -10.94 -31.59 -14.63
N GLY D 204 -10.54 -32.61 -13.86
CA GLY D 204 -10.99 -33.97 -14.08
C GLY D 204 -12.49 -34.15 -13.90
N ILE D 205 -13.10 -33.45 -12.93
CA ILE D 205 -14.55 -33.46 -12.75
C ILE D 205 -15.22 -32.74 -13.93
N THR D 206 -14.61 -31.62 -14.40
CA THR D 206 -15.08 -30.85 -15.56
C THR D 206 -15.04 -31.71 -16.82
N ALA D 207 -14.06 -32.61 -16.93
CA ALA D 207 -13.94 -33.49 -18.08
C ALA D 207 -15.17 -34.43 -18.13
N ILE D 208 -15.55 -34.97 -16.97
CA ILE D 208 -16.73 -35.81 -16.82
C ILE D 208 -17.97 -34.99 -17.11
N GLU D 209 -18.01 -33.77 -16.60
CA GLU D 209 -19.10 -32.83 -16.82
C GLU D 209 -19.34 -32.58 -18.32
N LEU D 210 -18.28 -32.38 -19.09
CA LEU D 210 -18.41 -32.11 -20.53
C LEU D 210 -18.89 -33.37 -21.30
N ALA D 211 -18.50 -34.55 -20.81
CA ALA D 211 -18.85 -35.83 -21.38
C ALA D 211 -20.26 -36.28 -21.01
N GLU D 212 -20.72 -35.97 -19.80
CA GLU D 212 -22.01 -36.47 -19.31
C GLU D 212 -23.07 -35.41 -19.00
N LEU D 213 -22.76 -34.14 -19.24
CA LEU D 213 -23.62 -32.98 -19.03
C LEU D 213 -23.76 -32.55 -17.58
N GLN D 214 -23.23 -33.33 -16.63
CA GLN D 214 -23.31 -33.01 -15.21
C GLN D 214 -22.09 -33.59 -14.50
N PRO D 215 -21.65 -32.95 -13.39
CA PRO D 215 -20.59 -33.57 -12.59
C PRO D 215 -21.17 -34.77 -11.82
N PRO D 216 -20.32 -35.72 -11.39
CA PRO D 216 -20.82 -36.85 -10.59
C PRO D 216 -21.57 -36.39 -9.31
N LEU D 217 -22.63 -37.08 -8.90
CA LEU D 217 -23.41 -36.74 -7.70
C LEU D 217 -24.18 -35.40 -7.76
N PHE D 218 -24.39 -34.83 -8.97
CA PHE D 218 -25.11 -33.57 -9.16
C PHE D 218 -26.51 -33.54 -8.55
N ASP D 219 -27.16 -34.70 -8.52
CA ASP D 219 -28.52 -34.81 -7.98
C ASP D 219 -28.57 -35.05 -6.47
N VAL D 220 -27.42 -35.13 -5.79
CA VAL D 220 -27.31 -35.37 -4.36
C VAL D 220 -27.14 -34.03 -3.65
N HIS D 221 -27.76 -33.85 -2.46
CA HIS D 221 -27.66 -32.61 -1.69
C HIS D 221 -26.20 -32.15 -1.49
N PRO D 222 -25.90 -30.86 -1.76
CA PRO D 222 -24.50 -30.39 -1.67
C PRO D 222 -23.79 -30.68 -0.36
N LEU D 223 -24.51 -30.58 0.77
CA LEU D 223 -23.97 -30.85 2.09
C LEU D 223 -23.70 -32.36 2.24
N ARG D 224 -24.64 -33.18 1.75
CA ARG D 224 -24.54 -34.63 1.71
C ARG D 224 -23.27 -35.05 0.91
N VAL D 225 -22.96 -34.37 -0.24
CA VAL D 225 -21.78 -34.62 -1.09
C VAL D 225 -20.47 -34.31 -0.33
N LEU D 226 -20.42 -33.16 0.37
CA LEU D 226 -19.27 -32.76 1.17
C LEU D 226 -18.93 -33.83 2.21
N PHE D 227 -19.95 -34.39 2.87
CA PHE D 227 -19.78 -35.45 3.87
C PHE D 227 -19.29 -36.77 3.26
N LEU D 228 -19.80 -37.13 2.08
CA LEU D 228 -19.40 -38.34 1.35
C LEU D 228 -17.89 -38.33 0.99
N MET D 229 -17.34 -37.15 0.64
CA MET D 229 -15.93 -37.01 0.28
C MET D 229 -14.99 -37.08 1.48
N THR D 230 -15.44 -36.62 2.66
CA THR D 230 -14.60 -36.67 3.86
C THR D 230 -14.40 -38.06 4.41
N LYS D 231 -15.30 -39.00 4.07
CA LYS D 231 -15.24 -40.39 4.50
C LYS D 231 -13.96 -41.05 3.94
N SER D 232 -13.36 -41.94 4.74
CA SER D 232 -12.12 -42.62 4.37
C SER D 232 -12.25 -43.53 3.14
N GLY D 233 -13.46 -44.00 2.88
CA GLY D 233 -13.73 -44.89 1.75
C GLY D 233 -14.14 -44.18 0.48
N TYR D 234 -14.03 -42.84 0.42
CA TYR D 234 -14.43 -42.12 -0.79
C TYR D 234 -13.63 -42.56 -2.02
N GLN D 235 -14.31 -43.08 -3.03
CA GLN D 235 -13.64 -43.51 -4.25
C GLN D 235 -13.86 -42.45 -5.33
N PRO D 236 -12.76 -41.91 -5.89
CA PRO D 236 -12.88 -40.89 -6.95
C PRO D 236 -13.81 -41.31 -8.08
N PRO D 237 -14.57 -40.35 -8.63
CA PRO D 237 -15.52 -40.71 -9.70
C PRO D 237 -14.88 -41.22 -10.99
N ARG D 238 -15.70 -41.84 -11.85
CA ARG D 238 -15.25 -42.37 -13.13
C ARG D 238 -16.32 -42.16 -14.21
N LEU D 239 -15.91 -42.22 -15.48
CA LEU D 239 -16.86 -42.06 -16.58
C LEU D 239 -17.85 -43.23 -16.57
N LYS D 240 -19.14 -42.95 -16.84
CA LYS D 240 -20.23 -43.94 -16.83
C LYS D 240 -20.07 -45.00 -17.92
N GLU D 241 -20.06 -44.60 -19.19
CA GLU D 241 -19.97 -45.53 -20.31
C GLU D 241 -18.53 -45.75 -20.72
N LYS D 242 -17.91 -46.84 -20.21
CA LYS D 242 -16.52 -47.21 -20.48
C LYS D 242 -16.21 -47.40 -21.98
N GLY D 243 -17.13 -48.01 -22.72
CA GLY D 243 -16.96 -48.27 -24.15
C GLY D 243 -17.10 -47.06 -25.06
N LYS D 244 -17.62 -45.95 -24.52
CA LYS D 244 -17.78 -44.73 -25.32
C LYS D 244 -16.48 -43.92 -25.46
N TRP D 245 -15.53 -44.10 -24.53
CA TRP D 245 -14.30 -43.32 -24.49
C TRP D 245 -13.04 -44.15 -24.60
N SER D 246 -11.98 -43.55 -25.15
CA SER D 246 -10.70 -44.23 -25.29
C SER D 246 -10.04 -44.48 -23.94
N ALA D 247 -9.10 -45.43 -23.89
CA ALA D 247 -8.35 -45.70 -22.66
C ALA D 247 -7.54 -44.46 -22.22
N ALA D 248 -7.17 -43.58 -23.18
CA ALA D 248 -6.44 -42.34 -22.88
C ALA D 248 -7.31 -41.38 -22.07
N PHE D 249 -8.60 -41.27 -22.42
CA PHE D 249 -9.54 -40.40 -21.70
C PHE D 249 -9.79 -40.98 -20.31
N HIS D 250 -9.96 -42.31 -20.20
CA HIS D 250 -10.13 -42.94 -18.89
C HIS D 250 -8.91 -42.73 -18.01
N ASN D 251 -7.70 -42.82 -18.58
CA ASN D 251 -6.46 -42.59 -17.83
C ASN D 251 -6.36 -41.14 -17.39
N PHE D 252 -6.76 -40.20 -18.25
CA PHE D 252 -6.73 -38.77 -17.93
C PHE D 252 -7.60 -38.49 -16.69
N ILE D 253 -8.80 -39.09 -16.65
CA ILE D 253 -9.72 -38.97 -15.52
C ILE D 253 -9.11 -39.61 -14.28
N LYS D 254 -8.53 -40.79 -14.45
CA LYS D 254 -7.89 -41.50 -13.35
C LYS D 254 -6.79 -40.68 -12.67
N VAL D 255 -5.85 -40.10 -13.45
CA VAL D 255 -4.73 -39.36 -12.84
C VAL D 255 -5.14 -37.97 -12.34
N THR D 256 -6.04 -37.25 -13.03
CA THR D 256 -6.50 -35.96 -12.53
C THR D 256 -7.29 -36.15 -11.23
N LEU D 257 -8.06 -37.25 -11.13
CA LEU D 257 -8.83 -37.53 -9.91
C LEU D 257 -8.08 -38.40 -8.93
N THR D 258 -6.77 -38.16 -8.77
CA THR D 258 -5.97 -38.88 -7.80
C THR D 258 -6.39 -38.36 -6.43
N LYS D 259 -6.92 -39.24 -5.56
CA LYS D 259 -7.42 -38.84 -4.24
C LYS D 259 -6.39 -38.08 -3.42
N SER D 260 -5.18 -38.60 -3.36
CA SER D 260 -4.09 -37.97 -2.62
C SER D 260 -3.48 -36.80 -3.36
N PRO D 261 -3.51 -35.58 -2.76
CA PRO D 261 -2.86 -34.44 -3.41
C PRO D 261 -1.35 -34.58 -3.56
N LYS D 262 -0.72 -35.46 -2.77
CA LYS D 262 0.72 -35.73 -2.87
C LYS D 262 1.06 -36.48 -4.16
N LYS D 263 0.12 -37.30 -4.67
CA LYS D 263 0.32 -38.08 -5.89
C LYS D 263 -0.36 -37.46 -7.13
N ARG D 264 -1.10 -36.35 -6.97
CA ARG D 264 -1.78 -35.71 -8.09
C ARG D 264 -0.78 -34.95 -8.98
N PRO D 265 -0.79 -35.20 -10.30
CA PRO D 265 0.17 -34.50 -11.18
C PRO D 265 -0.10 -33.02 -11.31
N SER D 266 0.94 -32.23 -11.54
CA SER D 266 0.84 -30.79 -11.73
C SER D 266 0.21 -30.45 -13.11
N ALA D 267 -0.11 -29.17 -13.37
CA ALA D 267 -0.67 -28.69 -14.65
C ALA D 267 0.32 -28.84 -15.82
N THR D 268 1.62 -28.68 -15.56
CA THR D 268 2.64 -28.85 -16.62
C THR D 268 2.87 -30.33 -16.89
N LYS D 269 2.85 -31.19 -15.85
CA LYS D 269 3.00 -32.63 -16.05
C LYS D 269 1.81 -33.17 -16.86
N MET D 270 0.59 -32.73 -16.52
CA MET D 270 -0.62 -33.11 -17.24
C MET D 270 -0.60 -32.69 -18.72
N LEU D 271 0.14 -31.62 -19.06
CA LEU D 271 0.24 -31.14 -20.44
C LEU D 271 0.96 -32.12 -21.38
N SER D 272 1.75 -33.05 -20.84
CA SER D 272 2.40 -34.06 -21.65
C SER D 272 1.62 -35.39 -21.66
N HIS D 273 0.40 -35.43 -21.08
CA HIS D 273 -0.43 -36.62 -21.09
C HIS D 273 -0.91 -36.86 -22.52
N GLN D 274 -1.02 -38.13 -22.88
CA GLN D 274 -1.39 -38.69 -24.19
C GLN D 274 -2.75 -38.19 -24.75
N LEU D 275 -3.65 -37.66 -23.89
CA LEU D 275 -4.95 -37.14 -24.32
C LEU D 275 -4.88 -35.69 -24.80
N VAL D 276 -4.12 -34.86 -24.09
CA VAL D 276 -4.03 -33.44 -24.42
C VAL D 276 -2.82 -33.08 -25.29
N SER D 277 -1.90 -34.03 -25.55
CA SER D 277 -0.76 -33.75 -26.41
C SER D 277 -0.96 -34.25 -27.86
N GLN D 278 -2.21 -34.65 -28.24
CA GLN D 278 -2.52 -35.07 -29.60
C GLN D 278 -2.31 -33.89 -30.55
N PRO D 279 -1.75 -34.13 -31.75
CA PRO D 279 -1.47 -33.01 -32.67
C PRO D 279 -2.66 -32.40 -33.42
N GLY D 280 -3.82 -33.06 -33.40
CA GLY D 280 -5.00 -32.56 -34.11
C GLY D 280 -5.95 -31.74 -33.26
N LEU D 281 -5.50 -31.24 -32.10
CA LEU D 281 -6.36 -30.43 -31.23
C LEU D 281 -6.18 -28.95 -31.55
N ASN D 282 -7.26 -28.30 -31.95
CA ASN D 282 -7.27 -26.88 -32.27
C ASN D 282 -8.68 -26.31 -32.17
N ARG D 283 -8.82 -24.97 -32.24
CA ARG D 283 -10.11 -24.31 -32.12
C ARG D 283 -11.15 -24.70 -33.18
N GLY D 284 -10.73 -25.37 -34.25
CA GLY D 284 -11.66 -25.87 -35.26
C GLY D 284 -12.64 -26.87 -34.68
N LEU D 285 -12.21 -27.65 -33.68
CA LEU D 285 -13.07 -28.60 -32.95
C LEU D 285 -14.23 -27.86 -32.26
N ILE D 286 -13.94 -26.67 -31.71
CA ILE D 286 -14.97 -25.89 -31.03
C ILE D 286 -15.83 -25.14 -32.04
N LEU D 287 -15.25 -24.67 -33.15
CA LEU D 287 -16.05 -24.04 -34.21
C LEU D 287 -17.12 -25.04 -34.74
N ASP D 288 -16.78 -26.34 -34.78
CA ASP D 288 -17.73 -27.39 -35.16
C ASP D 288 -18.87 -27.48 -34.13
N LEU D 289 -18.54 -27.38 -32.83
CA LEU D 289 -19.52 -27.39 -31.75
C LEU D 289 -20.44 -26.18 -31.84
N LEU D 290 -19.88 -25.00 -32.19
CA LEU D 290 -20.62 -23.75 -32.36
C LEU D 290 -21.63 -23.87 -33.50
N ASP D 291 -21.25 -24.55 -34.61
CA ASP D 291 -22.13 -24.74 -35.77
C ASP D 291 -23.35 -25.60 -35.43
N LYS D 292 -23.18 -26.55 -34.48
CA LYS D 292 -24.24 -27.44 -33.99
C LYS D 292 -25.32 -26.67 -33.21
N LEU D 293 -24.95 -25.54 -32.58
CA LEU D 293 -25.90 -24.71 -31.83
C LEU D 293 -26.92 -24.03 -32.77
N LYS D 294 -26.44 -23.50 -33.90
CA LYS D 294 -27.31 -22.83 -34.87
C LYS D 294 -27.75 -23.77 -35.99
C11 A1A1A E . 5.23 26.54 20.21
C14 A1A1A E . 5.32 26.69 18.82
C12 A1A1A E . 6.09 27.22 21.06
C1 A1A1A E . 9.41 30.16 24.35
C3 A1A1A E . 11.20 31.42 23.29
C16 A1A1A E . 7.23 28.44 15.03
C6 A1A1A E . 9.06 29.71 23.08
C5 A1A1A E . 9.76 30.08 21.94
C4 A1A1A E . 10.85 30.93 22.01
C2 A1A1A E . 10.51 31.03 24.43
C13 A1A1A E . 6.31 27.56 18.35
C10 A1A1A E . 7.02 28.10 20.49
C15 A1A1A E . 6.49 27.80 16.95
C9 A1A1A E . 7.95 28.84 22.70
C8 A1A1A E . 9.13 29.45 20.74
C22 A1A1A E . 11.24 32.63 18.70
C18 A1A1A E . 9.37 30.04 15.98
C19 A1A1A E . 9.72 27.92 17.14
C7 A1A1A E . 10.46 30.98 26.80
C21 A1A1A E . 10.82 32.52 20.14
C20 A1A1A E . 11.58 31.38 20.80
C17 A1A1A E . 8.74 29.04 16.93
N5 A1A1A E . 6.09 27.81 14.83
N2 A1A1A E . 7.13 28.26 19.15
N3 A1A1A E . 5.61 27.40 16.06
N4 A1A1A E . 7.51 28.48 16.36
N1 A1A1A E . 7.94 28.80 21.28
N6 A1A1A E . 12.86 32.02 21.13
O2 A1A1A E . 7.18 28.38 23.53
O1 A1A1A E . 10.99 31.57 25.62
C11 A1A1A F . 5.26 31.36 -33.59
C14 A1A1A F . 5.27 31.21 -32.20
C12 A1A1A F . 4.23 30.81 -34.36
C1 A1A1A F . -0.23 28.93 -37.13
C3 A1A1A F . -1.83 27.57 -35.90
C16 A1A1A F . 3.43 29.72 -28.23
C6 A1A1A F . 0.52 29.06 -35.98
C5 A1A1A F . 0.13 28.44 -34.81
C4 A1A1A F . -1.04 27.69 -34.75
C2 A1A1A F . -1.42 28.17 -37.09
C13 A1A1A F . 4.22 30.52 -31.62
C10 A1A1A F . 3.20 30.16 -33.69
C15 A1A1A F . 4.13 30.30 -30.20
C9 A1A1A F . 1.80 29.76 -35.76
C8 A1A1A F . 1.11 28.75 -33.73
C22 A1A1A F . -2.17 27.64 -31.23
C18 A1A1A F . 1.12 28.36 -29.19
C19 A1A1A F . 2.99 27.13 -30.25
C7 A1A1A F . -1.90 28.69 -39.35
C21 A1A1A F . -2.24 28.10 -32.65
C20 A1A1A F . -1.48 27.08 -33.46
C17 A1A1A F . 2.32 28.49 -30.10
N5 A1A1A F . 4.38 30.61 -28.07
N2 A1A1A F . 3.20 30.01 -32.34
N3 A1A1A F . 4.82 30.97 -29.32
N4 A1A1A F . 3.25 29.48 -29.55
N1 A1A1A F . 2.13 29.60 -34.39
N6 A1A1A F . -2.41 25.95 -33.67
O2 A1A1A F . 2.41 30.31 -36.67
O1 A1A1A F . -2.25 27.94 -38.19
C11 A1A1A G . -15.67 -16.90 34.98
C14 A1A1A G . -15.58 -16.82 33.61
C12 A1A1A G . -14.79 -16.18 35.80
C1 A1A1A G . -11.35 -12.94 38.76
C3 A1A1A G . -9.58 -11.80 37.51
C16 A1A1A G . -13.75 -15.05 29.71
C6 A1A1A G . -11.78 -13.47 37.55
C5 A1A1A G . -11.13 -13.19 36.35
C4 A1A1A G . -10.02 -12.35 36.31
C2 A1A1A G . -10.25 -12.08 38.72
C13 A1A1A G . -14.59 -16.00 33.06
C10 A1A1A G . -13.82 -15.39 35.18
C15 A1A1A G . -14.46 -15.76 31.65
C9 A1A1A G . -12.88 -14.37 37.28
C8 A1A1A G . -11.82 -13.90 35.24
C22 A1A1A G . -9.80 -10.99 32.78
C18 A1A1A G . -11.52 -13.53 30.81
C19 A1A1A G . -11.16 -15.82 31.62
C7 A1A1A G . -10.67 -11.28 40.90
C21 A1A1A G . -10.12 -10.98 34.26
C20 A1A1A G . -9.35 -12.04 34.99
C17 A1A1A G . -12.15 -14.66 31.59
N5 A1A1A G . -14.91 -15.62 29.54
N2 A1A1A G . -13.73 -15.29 33.83
N3 A1A1A G . -15.38 -16.06 30.77
N4 A1A1A G . -13.41 -15.12 31.03
N1 A1A1A G . -12.89 -14.65 35.91
N6 A1A1A G . -7.99 -11.47 35.16
O2 A1A1A G . -13.64 -14.75 38.17
O1 A1A1A G . -9.70 -11.52 39.88
C11 A1A1A H . -15.39 -12.28 -19.01
C14 A1A1A H . -15.41 -12.51 -17.63
C12 A1A1A H . -16.50 -12.63 -19.79
C1 A1A1A H . -21.05 -14.03 -22.72
C3 A1A1A H . -22.74 -15.33 -21.54
C16 A1A1A H . -17.45 -14.02 -13.74
C6 A1A1A H . -20.30 -14.03 -21.56
C5 A1A1A H . -20.76 -14.64 -20.39
C4 A1A1A H . -21.98 -15.30 -20.37
C2 A1A1A H . -22.28 -14.68 -22.71
C13 A1A1A H . -16.56 -13.06 -17.08
C10 A1A1A H . -17.61 -13.17 -19.16
C15 A1A1A H . -16.71 -13.31 -15.66
C9 A1A1A H . -18.99 -13.41 -21.27
C8 A1A1A H . -19.75 -14.47 -19.32
C22 A1A1A H . -22.81 -14.84 -16.95
C18 A1A1A H . -19.78 -15.31 -14.90
C19 A1A1A H . -17.86 -16.35 -16.08
C7 A1A1A H . -22.53 -14.36 -25.02
C21 A1A1A H . -23.35 -15.05 -18.34
C20 A1A1A H . -22.46 -15.98 -19.12
C17 A1A1A H . -18.56 -15.05 -15.75
N5 A1A1A H . -16.49 -13.16 -13.50
N2 A1A1A H . -17.65 -13.37 -17.81
N3 A1A1A H . -16.03 -12.71 -14.70
N4 A1A1A H . -17.62 -14.15 -15.08
N1 A1A1A H . -18.76 -13.54 -19.88
N6 A1A1A H . -23.35 -17.13 -19.45
O2 A1A1A H . -18.32 -12.89 -22.16
O1 A1A1A H . -23.14 -14.78 -23.81
#